data_3LC4
#
_entry.id   3LC4
#
_cell.length_a   70.779
_cell.length_b   70.779
_cell.length_c   224.629
_cell.angle_alpha   90.00
_cell.angle_beta   90.00
_cell.angle_gamma   90.00
#
_symmetry.space_group_name_H-M   'P 43'
#
loop_
_entity.id
_entity.type
_entity.pdbx_description
1 polymer 'Cytochrome P450 2E1'
2 non-polymer 'PROTOPORPHYRIN IX CONTAINING FE'
3 non-polymer '12-(1H-imidazol-1-yl)dodecanoic acid'
4 water water
#
_entity_poly.entity_id   1
_entity_poly.type   'polypeptide(L)'
_entity_poly.pdbx_seq_one_letter_code
;MAKKTSSKGKLPPGPFPLPIIGNLFQLELKNIPKSFTRLAQRFGPVFTLYVGSQRMVVMHGYKAVKEALLDYKDEFSGRG
DLPAFHAHRDRGIIFNNGPTWKDIRRFSLTTLRNYGMGKQGNESRIQREAHFLLEALRKTQGQPFDPTFLIGCAPCNVIA
DILFRKHFDYNDEKFLRLMYLFNENFHLLSTPWLQLYNNFPSFLHYLPGSHRKVIKNVAEVKEYVSERVKEHHQSLDPNC
PRDLTDCLLVEMEKEKHSAERLYTMDGITVTVADLFFAGTETTSTTLRYGLLILMKYPEIEEKLHEEIDRVIGPSRIPAI
KDRQEMPYMDAVVHEIQRFITLVPSNLPHEATRDTIFRGYLIPKGTVVVPTLDSVLYDNQEFPDPEKFKPEHFLNENGKF
KYSDYFKPFSTGKRVCAGEGLARMELFLLLCAILQHFNLKPLVDPKDIDLSPIHIGFGCIPPRYKLCVIPRSHHHH
;
_entity_poly.pdbx_strand_id   A,B
#
loop_
_chem_comp.id
_chem_comp.type
_chem_comp.name
_chem_comp.formula
HEM non-polymer 'PROTOPORPHYRIN IX CONTAINING FE' 'C34 H32 Fe N4 O4'
LC4 non-polymer '12-(1H-imidazol-1-yl)dodecanoic acid' 'C15 H26 N2 O2'
#
# COMPACT_ATOMS: atom_id res chain seq x y z
N LYS A 10 -1.14 35.30 49.02
CA LYS A 10 0.25 34.82 49.22
C LYS A 10 0.61 33.59 48.35
N LEU A 11 1.50 33.82 47.38
CA LEU A 11 2.00 32.82 46.44
C LEU A 11 2.80 31.74 47.16
N PRO A 12 2.89 30.53 46.57
CA PRO A 12 3.75 29.49 47.11
C PRO A 12 5.20 29.95 47.10
N PRO A 13 6.00 29.46 48.07
CA PRO A 13 7.41 29.86 48.28
C PRO A 13 8.27 29.69 47.03
N GLY A 14 9.48 30.23 47.05
CA GLY A 14 10.33 30.14 45.87
C GLY A 14 11.54 31.06 45.88
N PRO A 15 12.41 30.88 44.87
CA PRO A 15 13.65 31.64 44.72
C PRO A 15 13.34 33.06 44.32
N PHE A 16 14.16 34.00 44.76
CA PHE A 16 14.02 35.37 44.31
C PHE A 16 14.32 35.49 42.80
N PRO A 17 13.32 35.94 42.01
CA PRO A 17 13.38 36.07 40.55
C PRO A 17 14.15 37.28 40.09
N LEU A 18 15.05 37.08 39.14
CA LEU A 18 15.82 38.16 38.55
C LEU A 18 15.01 38.93 37.50
N PRO A 19 15.41 40.17 37.23
CA PRO A 19 14.72 41.01 36.25
C PRO A 19 14.74 40.38 34.86
N ILE A 20 13.57 40.29 34.23
CA ILE A 20 13.45 39.71 32.90
C ILE A 20 13.72 38.21 32.93
N ILE A 21 14.99 37.84 33.10
CA ILE A 21 15.38 36.43 33.13
C ILE A 21 14.48 35.64 34.07
N GLY A 22 14.39 36.08 35.32
CA GLY A 22 13.56 35.41 36.30
C GLY A 22 14.33 34.40 37.13
N ASN A 23 13.77 33.21 37.28
CA ASN A 23 14.41 32.15 38.06
C ASN A 23 15.07 31.11 37.16
N LEU A 24 15.60 31.56 36.02
CA LEU A 24 16.25 30.67 35.08
C LEU A 24 17.68 30.29 35.51
N PHE A 25 18.18 30.87 36.57
CA PHE A 25 19.46 30.43 37.08
C PHE A 25 19.26 29.19 37.94
N GLN A 26 18.02 28.99 38.38
CA GLN A 26 17.68 27.88 39.28
C GLN A 26 17.30 26.66 38.47
N LEU A 27 17.54 26.76 37.17
CA LEU A 27 17.06 25.78 36.18
C LEU A 27 18.17 25.31 35.28
N GLU A 28 18.24 23.98 35.13
CA GLU A 28 19.20 23.37 34.23
C GLU A 28 18.40 22.94 33.00
N LEU A 29 18.65 23.58 31.86
CA LEU A 29 17.85 23.34 30.65
C LEU A 29 18.01 21.92 30.15
N LYS A 30 19.23 21.39 30.24
CA LYS A 30 19.54 20.00 29.86
C LYS A 30 18.58 19.10 30.57
N ASN A 31 18.28 19.44 31.83
CA ASN A 31 17.41 18.66 32.68
C ASN A 31 16.56 19.48 33.66
N ILE A 32 15.39 19.90 33.21
CA ILE A 32 14.45 20.63 34.10
C ILE A 32 13.94 19.79 35.29
N PRO A 33 13.40 18.57 35.05
CA PRO A 33 12.87 17.78 36.15
C PRO A 33 13.77 17.69 37.34
N LYS A 34 15.08 17.55 37.12
CA LYS A 34 16.06 17.45 38.20
C LYS A 34 16.12 18.75 38.93
N SER A 35 15.99 19.84 38.16
CA SER A 35 15.92 21.16 38.77
C SER A 35 14.69 21.25 39.67
N PHE A 36 13.55 20.79 39.17
CA PHE A 36 12.34 20.74 39.98
C PHE A 36 12.59 19.97 41.28
N THR A 37 13.07 18.74 41.14
CA THR A 37 13.43 17.96 42.27
C THR A 37 14.29 18.77 43.25
N ARG A 38 15.26 19.52 42.71
CA ARG A 38 16.25 20.23 43.53
C ARG A 38 15.57 21.35 44.31
N LEU A 39 14.77 22.14 43.60
CA LEU A 39 13.91 23.15 44.19
C LEU A 39 12.88 22.60 45.17
N ALA A 40 12.35 21.40 44.90
CA ALA A 40 11.38 20.79 45.79
C ALA A 40 11.91 20.65 47.21
N GLN A 41 13.22 20.44 47.31
CA GLN A 41 13.86 20.16 48.59
C GLN A 41 14.29 21.42 49.30
N ARG A 42 13.99 22.56 48.72
CA ARG A 42 14.36 23.83 49.29
C ARG A 42 13.07 24.48 49.76
N PHE A 43 11.96 24.17 49.09
CA PHE A 43 10.71 24.85 49.31
C PHE A 43 9.54 23.87 49.49
N GLY A 44 9.88 22.59 49.49
CA GLY A 44 8.88 21.56 49.70
C GLY A 44 8.01 21.27 48.49
N PRO A 45 6.81 20.72 48.73
CA PRO A 45 5.93 20.15 47.72
C PRO A 45 5.34 21.13 46.72
N VAL A 46 5.06 22.37 47.11
CA VAL A 46 4.55 23.38 46.18
C VAL A 46 5.49 24.55 46.16
N PHE A 47 5.97 24.94 44.97
CA PHE A 47 6.80 26.15 44.81
C PHE A 47 6.51 27.04 43.59
N THR A 48 6.92 28.30 43.67
CA THR A 48 6.69 29.24 42.59
C THR A 48 7.95 29.55 41.81
N LEU A 49 7.80 29.57 40.50
CA LEU A 49 8.89 29.88 39.61
C LEU A 49 8.40 30.89 38.57
N TYR A 50 9.17 31.94 38.35
CA TYR A 50 9.01 32.81 37.19
C TYR A 50 10.07 32.44 36.15
N VAL A 51 9.62 32.07 34.97
CA VAL A 51 10.57 31.84 33.89
C VAL A 51 10.10 32.55 32.60
N GLY A 52 10.95 33.44 32.11
CA GLY A 52 10.45 34.49 31.25
C GLY A 52 9.73 35.41 32.21
N SER A 53 8.63 35.98 31.77
CA SER A 53 7.77 36.67 32.71
C SER A 53 6.79 35.65 33.32
N GLN A 54 6.71 34.49 32.65
CA GLN A 54 5.69 33.47 32.98
C GLN A 54 5.93 32.80 34.32
N ARG A 55 4.90 32.90 35.14
CA ARG A 55 4.91 32.50 36.53
C ARG A 55 4.20 31.18 36.69
N MET A 56 4.94 30.19 37.19
CA MET A 56 4.42 28.84 37.32
C MET A 56 4.49 28.27 38.73
N VAL A 57 3.59 27.34 38.99
CA VAL A 57 3.52 26.65 40.26
C VAL A 57 3.79 25.18 39.96
N VAL A 58 4.74 24.61 40.68
CA VAL A 58 5.18 23.24 40.44
C VAL A 58 4.77 22.44 41.67
N MET A 59 4.16 21.27 41.47
CA MET A 59 3.97 20.33 42.59
C MET A 59 4.77 19.06 42.41
N HIS A 60 5.41 18.66 43.50
CA HIS A 60 6.41 17.62 43.47
C HIS A 60 6.11 16.58 44.53
N GLY A 61 5.79 15.39 44.08
CA GLY A 61 5.44 14.35 45.01
C GLY A 61 3.97 14.07 44.99
N TYR A 62 3.68 12.80 45.23
CA TYR A 62 2.37 12.23 45.11
C TYR A 62 1.25 12.98 45.81
N LYS A 63 1.43 13.36 47.07
CA LYS A 63 0.37 14.08 47.78
C LYS A 63 0.02 15.37 47.06
N ALA A 64 1.05 16.18 46.84
CA ALA A 64 0.91 17.47 46.18
C ALA A 64 0.39 17.38 44.73
N VAL A 65 0.89 16.41 43.98
CA VAL A 65 0.50 16.28 42.59
C VAL A 65 -0.95 15.81 42.46
N LYS A 66 -1.37 14.89 43.33
CA LYS A 66 -2.74 14.38 43.29
C LYS A 66 -3.74 15.44 43.65
N GLU A 67 -3.51 16.08 44.79
CA GLU A 67 -4.29 17.22 45.23
C GLU A 67 -4.53 18.16 44.04
N ALA A 68 -3.46 18.50 43.33
CA ALA A 68 -3.52 19.38 42.16
C ALA A 68 -4.43 18.85 41.07
N LEU A 69 -4.24 17.57 40.73
CA LEU A 69 -4.89 16.95 39.58
C LEU A 69 -6.30 16.38 39.84
N LEU A 70 -6.58 15.99 41.08
CA LEU A 70 -7.83 15.34 41.42
C LEU A 70 -8.77 16.21 42.26
N ASP A 71 -8.21 17.12 43.04
CA ASP A 71 -8.99 17.97 43.92
C ASP A 71 -9.37 19.29 43.28
N TYR A 72 -8.46 19.82 42.47
CA TYR A 72 -8.71 21.06 41.74
C TYR A 72 -8.77 20.84 40.24
N LYS A 73 -9.47 19.76 39.88
CA LYS A 73 -9.80 19.44 38.50
C LYS A 73 -10.23 20.76 37.84
N ASP A 74 -11.38 21.32 38.24
CA ASP A 74 -11.93 22.51 37.57
C ASP A 74 -11.09 23.78 37.61
N GLU A 75 -10.24 23.89 38.62
CA GLU A 75 -9.43 25.08 38.79
C GLU A 75 -8.16 25.02 37.93
N PHE A 76 -7.58 23.83 37.82
CA PHE A 76 -6.36 23.64 37.05
C PHE A 76 -6.69 22.97 35.72
N SER A 77 -7.80 23.43 35.15
CA SER A 77 -8.33 22.92 33.90
C SER A 77 -7.50 23.32 32.71
N GLY A 78 -6.85 24.48 32.82
CA GLY A 78 -6.19 25.10 31.68
C GLY A 78 -5.01 24.34 31.16
N ARG A 79 -4.56 24.72 29.98
CA ARG A 79 -3.35 24.18 29.35
C ARG A 79 -2.34 25.29 29.14
N GLY A 80 -1.25 25.25 29.89
CA GLY A 80 -0.16 26.18 29.64
C GLY A 80 0.24 26.23 28.17
N ASP A 81 0.76 27.35 27.74
CA ASP A 81 1.10 27.50 26.34
C ASP A 81 2.43 26.82 26.05
N LEU A 82 2.54 26.29 24.84
CA LEU A 82 3.79 25.71 24.37
C LEU A 82 4.01 26.27 22.97
N PRO A 83 4.82 27.34 22.87
CA PRO A 83 5.13 28.16 21.69
C PRO A 83 5.60 27.41 20.42
N ALA A 84 6.28 26.28 20.58
CA ALA A 84 6.56 25.40 19.45
C ALA A 84 5.27 25.05 18.70
N PHE A 85 4.20 24.89 19.47
CA PHE A 85 2.92 24.44 18.96
C PHE A 85 1.90 25.55 18.85
N HIS A 86 2.34 26.78 18.56
CA HIS A 86 1.33 27.79 18.32
C HIS A 86 0.43 27.32 17.17
N ALA A 87 1.03 26.73 16.15
CA ALA A 87 0.25 26.05 15.12
C ALA A 87 -0.97 25.26 15.67
N HIS A 88 -0.91 24.74 16.90
CA HIS A 88 -1.96 23.86 17.46
C HIS A 88 -2.87 24.53 18.49
N ARG A 89 -2.35 25.68 19.12
CA ARG A 89 -2.93 26.30 20.31
C ARG A 89 -4.45 26.46 20.24
N ASP A 90 -5.15 26.27 21.30
CA ASP A 90 -6.59 26.54 21.52
C ASP A 90 -7.44 25.87 20.47
N ARG A 91 -6.98 24.72 20.02
CA ARG A 91 -7.72 23.92 19.06
C ARG A 91 -7.44 22.47 19.44
N GLY A 92 -7.92 21.52 18.63
CA GLY A 92 -7.77 20.10 18.93
C GLY A 92 -8.04 19.71 20.39
N ILE A 93 -7.01 19.16 21.04
CA ILE A 93 -7.11 18.78 22.46
C ILE A 93 -5.87 19.23 23.28
N ILE A 94 -4.79 18.48 23.16
CA ILE A 94 -3.56 18.69 23.90
C ILE A 94 -3.25 20.16 24.19
N PHE A 95 -3.35 21.00 23.15
CA PHE A 95 -2.91 22.39 23.23
C PHE A 95 -4.08 23.35 23.30
N ASN A 96 -5.26 22.79 23.51
CA ASN A 96 -6.50 23.56 23.61
C ASN A 96 -6.74 24.11 25.01
N ASN A 97 -6.52 25.41 25.15
CA ASN A 97 -6.88 26.15 26.35
C ASN A 97 -8.09 27.03 26.07
N GLY A 98 -8.89 26.64 25.07
CA GLY A 98 -10.06 27.41 24.67
C GLY A 98 -11.39 26.91 25.24
N PRO A 99 -12.48 27.65 24.95
CA PRO A 99 -13.81 27.16 25.32
C PRO A 99 -14.17 25.95 24.45
N THR A 100 -13.43 25.81 23.36
CA THR A 100 -13.56 24.68 22.46
C THR A 100 -13.19 23.38 23.18
N TRP A 101 -12.21 23.42 24.08
CA TRP A 101 -11.55 22.19 24.60
C TRP A 101 -12.49 21.09 25.08
N LYS A 102 -13.39 21.45 25.99
CA LYS A 102 -14.22 20.48 26.73
C LYS A 102 -15.00 19.48 25.88
N ASP A 103 -15.69 19.99 24.85
CA ASP A 103 -16.55 19.16 24.00
C ASP A 103 -15.82 18.34 22.93
N ILE A 104 -14.82 18.94 22.27
CA ILE A 104 -14.07 18.24 21.20
C ILE A 104 -13.30 17.11 21.82
N ARG A 105 -12.83 17.30 23.06
CA ARG A 105 -12.30 16.20 23.85
C ARG A 105 -13.40 15.17 24.14
N ARG A 106 -14.48 15.59 24.81
CA ARG A 106 -15.51 14.64 25.20
C ARG A 106 -15.98 13.82 24.01
N PHE A 107 -16.04 14.45 22.84
CA PHE A 107 -16.49 13.76 21.65
C PHE A 107 -15.47 12.76 21.14
N SER A 108 -14.21 13.15 21.02
CA SER A 108 -13.19 12.25 20.52
C SER A 108 -13.09 11.07 21.48
N LEU A 109 -13.25 11.35 22.77
CA LEU A 109 -13.08 10.36 23.79
C LEU A 109 -14.15 9.29 23.66
N THR A 110 -15.40 9.75 23.52
CA THR A 110 -16.55 8.91 23.15
C THR A 110 -16.26 8.05 21.91
N THR A 111 -15.76 8.71 20.86
CA THR A 111 -15.42 8.07 19.58
C THR A 111 -14.28 7.04 19.66
N LEU A 112 -13.20 7.40 20.34
CA LEU A 112 -12.12 6.46 20.66
C LEU A 112 -12.61 5.23 21.42
N ARG A 113 -13.61 5.45 22.28
CA ARG A 113 -14.32 4.37 22.97
C ARG A 113 -15.04 3.44 21.97
N ASN A 114 -15.79 4.06 21.05
CA ASN A 114 -16.60 3.32 20.08
C ASN A 114 -15.80 2.57 19.03
N TYR A 115 -14.57 3.02 18.80
CA TYR A 115 -13.64 2.30 17.93
C TYR A 115 -12.84 1.23 18.68
N GLY A 116 -12.95 1.23 20.02
CA GLY A 116 -12.21 0.32 20.89
C GLY A 116 -12.89 -0.93 21.46
N MET A 117 -14.03 -1.33 20.90
CA MET A 117 -14.76 -2.51 21.40
C MET A 117 -15.54 -3.25 20.32
N GLY A 121 -12.53 -4.70 18.90
CA GLY A 121 -12.26 -3.63 17.95
C GLY A 121 -10.82 -3.14 18.03
N ASN A 122 -10.46 -2.56 19.17
CA ASN A 122 -9.07 -2.14 19.40
C ASN A 122 -8.16 -3.34 19.45
N GLU A 123 -8.54 -4.34 20.24
CA GLU A 123 -7.79 -5.57 20.38
C GLU A 123 -7.46 -6.12 19.00
N SER A 124 -8.49 -6.36 18.20
CA SER A 124 -8.31 -6.92 16.86
C SER A 124 -7.32 -6.10 16.06
N ARG A 125 -7.48 -4.78 16.12
CA ARG A 125 -6.65 -3.87 15.36
C ARG A 125 -5.15 -4.05 15.64
N ILE A 126 -4.79 -4.04 16.91
CA ILE A 126 -3.42 -4.22 17.36
C ILE A 126 -2.94 -5.59 16.94
N GLN A 127 -3.79 -6.59 17.15
CA GLN A 127 -3.51 -7.96 16.75
C GLN A 127 -3.19 -8.04 15.26
N ARG A 128 -4.07 -7.46 14.45
CA ARG A 128 -3.89 -7.39 13.00
C ARG A 128 -2.54 -6.77 12.72
N GLU A 129 -2.32 -5.60 13.30
CA GLU A 129 -1.07 -4.91 13.12
C GLU A 129 0.15 -5.76 13.47
N ALA A 130 0.09 -6.47 14.60
CA ALA A 130 1.23 -7.26 15.09
C ALA A 130 1.80 -8.12 13.98
N HIS A 131 0.91 -8.76 13.23
CA HIS A 131 1.24 -9.58 12.07
C HIS A 131 2.39 -8.94 11.30
N PHE A 132 2.24 -7.66 10.96
CA PHE A 132 3.20 -6.94 10.13
C PHE A 132 4.51 -6.62 10.84
N LEU A 133 4.42 -6.40 12.14
CA LEU A 133 5.62 -6.12 12.92
C LEU A 133 6.53 -7.34 12.82
N LEU A 134 5.99 -8.49 13.20
CA LEU A 134 6.71 -9.77 13.09
C LEU A 134 7.33 -10.01 11.71
N GLU A 135 6.56 -9.71 10.66
CA GLU A 135 6.98 -9.89 9.26
C GLU A 135 8.20 -9.03 9.01
N ALA A 136 8.09 -7.75 9.39
CA ALA A 136 9.13 -6.79 9.23
C ALA A 136 10.32 -7.15 10.10
N LEU A 137 10.07 -7.84 11.20
CA LEU A 137 11.15 -8.21 12.13
C LEU A 137 11.94 -9.43 11.65
N ARG A 138 11.24 -10.46 11.17
CA ARG A 138 11.89 -11.62 10.53
C ARG A 138 12.75 -11.14 9.37
N LYS A 139 12.25 -10.16 8.63
CA LYS A 139 12.94 -9.65 7.46
C LYS A 139 14.31 -9.07 7.75
N THR A 140 14.54 -8.60 8.97
CA THR A 140 15.89 -8.17 9.35
C THR A 140 16.86 -9.34 9.32
N GLN A 141 16.30 -10.54 9.55
CA GLN A 141 17.03 -11.80 9.48
C GLN A 141 18.21 -11.83 10.45
N GLY A 142 17.90 -11.72 11.73
CA GLY A 142 18.92 -11.78 12.78
C GLY A 142 20.14 -10.90 12.54
N GLN A 143 19.94 -9.78 11.85
CA GLN A 143 21.00 -8.81 11.61
C GLN A 143 20.76 -7.60 12.50
N PRO A 144 21.77 -6.69 12.61
CA PRO A 144 21.67 -5.39 13.28
C PRO A 144 20.82 -4.37 12.52
N PHE A 145 19.89 -3.75 13.23
CA PHE A 145 18.99 -2.75 12.67
C PHE A 145 18.58 -1.71 13.72
N ASP A 146 18.29 -0.48 13.29
CA ASP A 146 17.74 0.55 14.19
C ASP A 146 16.22 0.38 14.25
N PRO A 147 15.68 -0.05 15.41
CA PRO A 147 14.27 -0.36 15.59
C PRO A 147 13.32 0.84 15.57
N THR A 148 13.86 2.04 15.78
CA THR A 148 13.06 3.27 15.80
C THR A 148 11.99 3.33 14.71
N PHE A 149 12.34 2.85 13.52
CA PHE A 149 11.47 2.94 12.35
C PHE A 149 11.03 1.58 11.89
N LEU A 150 11.19 0.59 12.75
CA LEU A 150 10.48 -0.66 12.55
C LEU A 150 9.28 -0.66 13.48
N ILE A 151 9.57 -0.62 14.77
CA ILE A 151 8.54 -0.84 15.79
C ILE A 151 7.54 0.30 15.85
N GLY A 152 7.97 1.51 15.48
CA GLY A 152 7.10 2.70 15.48
C GLY A 152 5.95 2.63 14.48
N CYS A 153 6.12 1.78 13.48
CA CYS A 153 5.13 1.67 12.46
C CYS A 153 3.87 1.08 13.05
N ALA A 154 4.02 0.22 14.04
CA ALA A 154 2.87 -0.48 14.60
C ALA A 154 1.86 0.47 15.26
N PRO A 155 2.31 1.34 16.20
CA PRO A 155 1.38 2.28 16.79
C PRO A 155 0.77 3.18 15.73
N CYS A 156 1.65 3.67 14.83
CA CYS A 156 1.27 4.58 13.76
C CYS A 156 0.08 4.07 12.95
N ASN A 157 0.25 2.91 12.33
CA ASN A 157 -0.84 2.20 11.70
C ASN A 157 -2.08 2.06 12.58
N VAL A 158 -1.95 1.52 13.79
CA VAL A 158 -3.13 1.37 14.67
C VAL A 158 -3.91 2.65 14.75
N ILE A 159 -3.20 3.75 14.99
CA ILE A 159 -3.84 5.05 15.02
C ILE A 159 -4.35 5.43 13.63
N ALA A 160 -3.55 5.17 12.60
CA ALA A 160 -3.94 5.50 11.20
C ALA A 160 -5.26 4.86 10.82
N ASP A 161 -5.47 3.61 11.25
CA ASP A 161 -6.73 2.95 11.01
C ASP A 161 -7.89 3.59 11.75
N ILE A 162 -7.65 4.06 12.96
CA ILE A 162 -8.72 4.71 13.72
C ILE A 162 -9.01 6.07 13.13
N LEU A 163 -7.93 6.74 12.76
CA LEU A 163 -7.99 8.12 12.32
C LEU A 163 -8.47 8.29 10.90
N PHE A 164 -7.95 7.49 9.98
CA PHE A 164 -8.20 7.65 8.53
C PHE A 164 -8.51 6.35 7.83
N ARG A 165 -8.87 5.33 8.61
CA ARG A 165 -9.06 3.96 8.08
C ARG A 165 -7.98 3.67 7.04
N LYS A 166 -6.77 4.16 7.32
CA LYS A 166 -5.69 4.10 6.38
C LYS A 166 -4.62 3.10 6.81
N HIS A 167 -4.14 2.30 5.87
CA HIS A 167 -3.03 1.42 6.14
C HIS A 167 -1.75 1.76 5.35
N PHE A 168 -0.61 1.61 6.02
CA PHE A 168 0.69 1.97 5.45
C PHE A 168 1.57 0.75 5.30
N ASP A 169 2.32 0.75 4.20
CA ASP A 169 3.42 -0.19 4.06
C ASP A 169 4.61 0.37 4.82
N TYR A 170 5.37 -0.52 5.45
CA TYR A 170 6.50 -0.13 6.32
C TYR A 170 7.63 0.57 5.56
N ASN A 171 7.34 0.94 4.31
CA ASN A 171 8.31 1.50 3.37
C ASN A 171 7.76 2.64 2.52
N ASP A 172 6.50 3.02 2.76
CA ASP A 172 5.93 4.20 2.13
C ASP A 172 6.77 5.38 2.59
N GLU A 173 7.39 6.08 1.63
CA GLU A 173 8.28 7.22 1.91
C GLU A 173 7.65 8.35 2.69
N LYS A 174 6.32 8.47 2.60
CA LYS A 174 5.58 9.47 3.36
C LYS A 174 5.44 8.99 4.79
N PHE A 175 4.99 7.74 4.94
CA PHE A 175 4.85 7.11 6.24
C PHE A 175 6.10 7.37 7.08
N LEU A 176 7.25 6.96 6.53
CA LEU A 176 8.55 7.12 7.19
C LEU A 176 8.88 8.56 7.46
N ARG A 177 8.46 9.42 6.53
CA ARG A 177 8.67 10.85 6.69
C ARG A 177 7.90 11.36 7.92
N LEU A 178 6.62 10.99 8.05
CA LEU A 178 5.81 11.39 9.22
C LEU A 178 6.41 10.93 10.54
N MET A 179 6.93 9.70 10.54
CA MET A 179 7.56 9.14 11.73
C MET A 179 8.83 9.90 12.07
N TYR A 180 9.57 10.28 11.03
CA TYR A 180 10.81 11.04 11.20
C TYR A 180 10.52 12.39 11.85
N LEU A 181 9.42 13.02 11.43
CA LEU A 181 9.02 14.30 11.98
C LEU A 181 8.66 14.17 13.46
N PHE A 182 7.93 13.11 13.78
CA PHE A 182 7.54 12.85 15.17
C PHE A 182 8.76 12.62 16.04
N ASN A 183 9.72 11.86 15.50
CA ASN A 183 10.96 11.59 16.21
C ASN A 183 11.84 12.83 16.31
N GLU A 184 11.93 13.57 15.22
CA GLU A 184 12.72 14.80 15.18
C GLU A 184 12.18 15.81 16.19
N ASN A 185 10.86 15.94 16.24
CA ASN A 185 10.21 16.85 17.18
C ASN A 185 10.29 16.37 18.63
N PHE A 186 9.88 15.15 18.93
CA PHE A 186 10.11 14.67 20.27
C PHE A 186 11.55 14.88 20.68
N HIS A 187 12.50 14.38 19.88
CA HIS A 187 13.94 14.63 20.10
C HIS A 187 14.16 16.07 20.49
N LEU A 188 13.83 16.96 19.57
CA LEU A 188 14.13 18.37 19.71
C LEU A 188 13.45 19.04 20.88
N LEU A 189 12.17 18.73 21.10
CA LEU A 189 11.42 19.25 22.26
C LEU A 189 11.97 18.90 23.63
N SER A 190 12.80 17.87 23.70
CA SER A 190 13.44 17.53 24.95
C SER A 190 14.86 18.11 25.10
N THR A 191 15.28 19.01 24.22
CA THR A 191 16.62 19.58 24.31
C THR A 191 16.58 21.03 24.86
N PRO A 192 17.72 21.51 25.40
CA PRO A 192 17.70 22.81 26.10
C PRO A 192 17.19 23.96 25.24
N TRP A 193 17.66 24.05 24.01
CA TRP A 193 17.41 25.25 23.21
C TRP A 193 15.88 25.49 23.13
N LEU A 194 15.13 24.40 22.93
CA LEU A 194 13.66 24.47 22.88
C LEU A 194 13.00 24.70 24.24
N GLN A 195 13.68 24.28 25.31
CA GLN A 195 13.21 24.55 26.65
C GLN A 195 13.16 26.05 26.88
N LEU A 196 14.24 26.71 26.45
CA LEU A 196 14.39 28.13 26.59
C LEU A 196 13.50 28.83 25.57
N TYR A 197 13.44 28.32 24.36
CA TYR A 197 12.60 28.92 23.37
C TYR A 197 11.19 28.76 23.88
N ASN A 198 10.92 27.66 24.58
CA ASN A 198 9.60 27.46 25.12
C ASN A 198 9.19 28.60 26.02
N ASN A 199 10.14 29.19 26.73
CA ASN A 199 9.79 30.23 27.69
C ASN A 199 10.16 31.68 27.34
N PHE A 200 10.89 31.86 26.25
CA PHE A 200 11.28 33.19 25.78
C PHE A 200 11.00 33.32 24.29
N PRO A 201 9.77 32.97 23.86
CA PRO A 201 9.53 32.80 22.43
C PRO A 201 9.66 34.11 21.68
N SER A 202 9.11 35.19 22.24
CA SER A 202 9.20 36.48 21.56
C SER A 202 10.65 37.00 21.30
N PHE A 203 11.60 36.65 22.18
CA PHE A 203 12.99 37.10 22.05
C PHE A 203 13.77 36.29 21.04
N LEU A 204 13.37 35.04 20.88
CA LEU A 204 14.18 34.06 20.19
C LEU A 204 13.59 33.67 18.84
N HIS A 205 12.30 33.90 18.67
CA HIS A 205 11.56 33.28 17.57
C HIS A 205 12.13 33.60 16.19
N TYR A 206 12.67 34.79 16.04
CA TYR A 206 13.17 35.18 14.73
C TYR A 206 14.69 35.16 14.64
N LEU A 207 15.31 34.66 15.71
CA LEU A 207 16.72 34.30 15.72
C LEU A 207 16.87 32.92 15.04
N PRO A 208 18.04 32.59 14.45
CA PRO A 208 18.19 31.22 13.93
C PRO A 208 18.23 30.19 15.05
N GLY A 209 18.13 28.92 14.71
CA GLY A 209 18.13 27.87 15.73
C GLY A 209 17.01 26.85 15.59
N SER A 210 17.24 25.68 16.17
CA SER A 210 16.36 24.49 16.01
C SER A 210 14.88 24.67 16.37
N HIS A 211 14.53 25.74 17.06
CA HIS A 211 13.13 26.08 17.22
C HIS A 211 12.45 26.22 15.87
N ARG A 212 13.18 26.71 14.88
CA ARG A 212 12.68 26.86 13.52
C ARG A 212 12.40 25.52 12.87
N LYS A 213 13.26 24.54 13.14
CA LYS A 213 13.06 23.21 12.61
C LYS A 213 11.76 22.64 13.16
N VAL A 214 11.59 22.72 14.49
CA VAL A 214 10.37 22.21 15.12
C VAL A 214 9.12 22.81 14.46
N ILE A 215 9.02 24.14 14.45
CA ILE A 215 7.93 24.82 13.77
C ILE A 215 7.72 24.29 12.33
N LYS A 216 8.80 24.21 11.54
CA LYS A 216 8.67 23.69 10.17
C LYS A 216 8.01 22.31 10.16
N ASN A 217 8.39 21.47 11.11
CA ASN A 217 7.89 20.12 11.19
C ASN A 217 6.45 20.06 11.66
N VAL A 218 6.10 20.89 12.63
CA VAL A 218 4.71 20.98 13.07
C VAL A 218 3.83 21.37 11.90
N ALA A 219 4.33 22.30 11.09
CA ALA A 219 3.60 22.81 9.92
C ALA A 219 3.42 21.76 8.84
N GLU A 220 4.41 20.86 8.73
CA GLU A 220 4.47 19.78 7.71
C GLU A 220 3.45 18.70 8.00
N VAL A 221 3.42 18.24 9.25
CA VAL A 221 2.42 17.31 9.72
C VAL A 221 1.01 17.89 9.73
N LYS A 222 0.87 19.18 10.06
CA LYS A 222 -0.46 19.77 10.04
C LYS A 222 -1.01 19.85 8.61
N GLU A 223 -0.15 20.27 7.69
CA GLU A 223 -0.47 20.31 6.27
C GLU A 223 -0.94 18.93 5.80
N TYR A 224 -0.12 17.91 6.04
CA TYR A 224 -0.43 16.53 5.65
C TYR A 224 -1.75 16.03 6.19
N VAL A 225 -1.94 16.15 7.50
CA VAL A 225 -3.17 15.78 8.16
C VAL A 225 -4.31 16.60 7.57
N SER A 226 -4.09 17.90 7.41
CA SER A 226 -5.04 18.78 6.72
C SER A 226 -5.55 18.22 5.38
N GLU A 227 -4.62 17.87 4.50
CA GLU A 227 -4.96 17.33 3.20
C GLU A 227 -5.86 16.11 3.32
N ARG A 228 -5.50 15.19 4.22
CA ARG A 228 -6.31 14.00 4.46
C ARG A 228 -7.73 14.32 4.93
N VAL A 229 -7.89 15.41 5.69
CA VAL A 229 -9.19 15.76 6.24
C VAL A 229 -10.07 16.31 5.10
N LYS A 230 -9.47 17.08 4.20
CA LYS A 230 -10.16 17.57 3.01
C LYS A 230 -10.54 16.43 2.07
N GLU A 231 -9.63 15.47 1.90
CA GLU A 231 -9.92 14.28 1.12
C GLU A 231 -11.17 13.64 1.67
N HIS A 232 -11.18 13.44 2.98
CA HIS A 232 -12.33 12.85 3.70
C HIS A 232 -13.64 13.60 3.41
N HIS A 233 -13.67 14.89 3.75
CA HIS A 233 -14.81 15.80 3.52
C HIS A 233 -15.37 15.68 2.09
N GLN A 234 -14.48 15.82 1.10
CA GLN A 234 -14.79 15.73 -0.33
C GLN A 234 -15.52 14.43 -0.70
N SER A 235 -15.32 13.40 0.12
CA SER A 235 -15.87 12.07 -0.15
C SER A 235 -16.84 11.56 0.93
N LEU A 236 -17.12 12.41 1.91
CA LEU A 236 -17.85 12.01 3.11
C LEU A 236 -19.33 11.67 2.89
N ASP A 237 -19.71 10.44 3.24
CA ASP A 237 -21.12 10.04 3.33
C ASP A 237 -21.54 9.83 4.81
N PRO A 238 -22.39 10.75 5.35
CA PRO A 238 -22.69 10.89 6.79
C PRO A 238 -23.41 9.70 7.46
N ASN A 239 -23.88 8.76 6.66
CA ASN A 239 -24.45 7.50 7.17
C ASN A 239 -23.36 6.49 7.46
N CYS A 240 -22.36 6.46 6.58
CA CYS A 240 -21.19 5.59 6.73
C CYS A 240 -19.93 6.37 7.13
N PRO A 241 -19.80 6.73 8.43
CA PRO A 241 -18.54 7.34 8.84
C PRO A 241 -17.46 6.27 8.92
N ARG A 242 -16.49 6.37 8.01
CA ARG A 242 -15.50 5.32 7.78
C ARG A 242 -14.49 5.15 8.92
N ASP A 243 -14.16 6.27 9.56
CA ASP A 243 -13.13 6.33 10.58
C ASP A 243 -13.47 7.44 11.56
N LEU A 244 -12.50 7.82 12.39
CA LEU A 244 -12.65 8.94 13.30
C LEU A 244 -12.91 10.22 12.54
N THR A 245 -11.98 10.59 11.64
CA THR A 245 -12.01 11.85 10.88
C THR A 245 -13.42 12.16 10.38
N ASP A 246 -14.08 11.11 9.88
CA ASP A 246 -15.47 11.17 9.47
C ASP A 246 -16.42 11.62 10.57
N CYS A 247 -16.31 10.97 11.74
CA CYS A 247 -17.21 11.22 12.87
C CYS A 247 -17.17 12.69 13.24
N LEU A 248 -15.99 13.28 13.08
CA LEU A 248 -15.77 14.69 13.35
C LEU A 248 -16.42 15.56 12.28
N LEU A 249 -16.23 15.17 11.02
CA LEU A 249 -16.81 15.90 9.90
C LEU A 249 -18.32 15.99 9.99
N VAL A 250 -18.96 14.90 10.41
CA VAL A 250 -20.42 14.88 10.50
C VAL A 250 -20.92 15.78 11.63
N GLU A 251 -20.09 16.01 12.64
CA GLU A 251 -20.44 16.98 13.68
C GLU A 251 -20.28 18.39 13.15
N MET A 252 -19.42 18.53 12.14
CA MET A 252 -19.07 19.84 11.61
C MET A 252 -20.17 20.33 10.69
N GLU A 253 -20.80 19.39 9.98
CA GLU A 253 -21.96 19.70 9.16
C GLU A 253 -23.28 19.76 9.94
N LYS A 254 -23.45 18.85 10.91
CA LYS A 254 -24.60 18.88 11.82
C LYS A 254 -24.96 20.25 12.34
N GLU A 255 -24.03 21.21 12.23
CA GLU A 255 -24.30 22.56 12.75
C GLU A 255 -23.65 23.71 11.96
N LYS A 256 -23.62 23.57 10.63
CA LYS A 256 -23.15 24.64 9.74
C LYS A 256 -23.95 25.95 9.90
N HIS A 257 -25.21 25.81 10.31
CA HIS A 257 -26.09 26.95 10.53
C HIS A 257 -25.90 27.60 11.92
N SER A 258 -25.56 26.81 12.93
CA SER A 258 -25.31 27.35 14.28
C SER A 258 -24.42 28.59 14.23
N ALA A 259 -24.85 29.67 14.87
CA ALA A 259 -24.09 30.92 14.87
C ALA A 259 -22.66 30.72 15.35
N GLU A 260 -22.50 30.50 16.66
CA GLU A 260 -21.19 30.26 17.27
C GLU A 260 -20.68 28.84 17.02
N ARG A 261 -19.40 28.73 16.65
CA ARG A 261 -18.84 27.46 16.17
C ARG A 261 -17.84 26.73 17.10
N LEU A 262 -17.94 25.40 17.06
CA LEU A 262 -17.10 24.46 17.81
C LEU A 262 -16.10 23.79 16.87
N TYR A 263 -16.61 23.15 15.82
CA TYR A 263 -15.77 22.53 14.81
C TYR A 263 -15.59 23.44 13.60
N THR A 264 -14.35 23.89 13.43
CA THR A 264 -13.90 24.46 12.17
C THR A 264 -12.91 23.48 11.57
N MET A 265 -12.85 23.46 10.24
CA MET A 265 -11.94 22.59 9.48
C MET A 265 -10.54 22.52 10.10
N ASP A 266 -10.04 23.68 10.52
CA ASP A 266 -8.78 23.77 11.24
C ASP A 266 -8.89 22.99 12.54
N GLY A 267 -9.95 23.27 13.30
CA GLY A 267 -10.26 22.59 14.57
C GLY A 267 -10.12 21.08 14.47
N ILE A 268 -10.75 20.50 13.45
CA ILE A 268 -10.67 19.07 13.19
C ILE A 268 -9.24 18.64 12.88
N THR A 269 -8.63 19.29 11.89
CA THR A 269 -7.24 19.04 11.49
C THR A 269 -6.28 19.02 12.69
N VAL A 270 -6.34 20.04 13.54
CA VAL A 270 -5.57 20.02 14.78
C VAL A 270 -5.93 18.79 15.64
N THR A 271 -7.23 18.55 15.87
CA THR A 271 -7.69 17.43 16.72
C THR A 271 -7.12 16.11 16.23
N VAL A 272 -7.09 15.98 14.93
CA VAL A 272 -6.64 14.77 14.26
C VAL A 272 -5.11 14.67 14.37
N ALA A 273 -4.41 15.76 14.03
CA ALA A 273 -2.97 15.84 14.24
C ALA A 273 -2.59 15.44 15.66
N ASP A 274 -3.27 16.04 16.63
CA ASP A 274 -3.06 15.74 18.05
C ASP A 274 -3.00 14.24 18.32
N LEU A 275 -4.02 13.49 17.91
CA LEU A 275 -4.01 12.06 18.20
C LEU A 275 -3.07 11.33 17.28
N PHE A 276 -2.82 11.91 16.10
CA PHE A 276 -1.96 11.24 15.13
C PHE A 276 -0.54 11.08 15.66
N PHE A 277 0.11 12.18 16.01
CA PHE A 277 1.45 12.06 16.54
C PHE A 277 1.43 11.55 17.97
N ALA A 278 0.36 11.87 18.69
CA ALA A 278 0.18 11.46 20.07
C ALA A 278 0.11 9.95 20.17
N GLY A 279 -0.81 9.35 19.42
CA GLY A 279 -0.91 7.90 19.31
C GLY A 279 0.32 7.18 18.79
N THR A 280 1.14 7.88 17.99
CA THR A 280 2.30 7.28 17.34
C THR A 280 3.58 7.32 18.19
N GLU A 281 3.95 8.48 18.71
CA GLU A 281 5.34 8.65 19.14
C GLU A 281 5.53 8.30 20.60
N THR A 282 4.48 8.48 21.40
CA THR A 282 4.51 8.07 22.81
C THR A 282 4.68 6.55 22.94
N THR A 283 3.84 5.78 22.26
CA THR A 283 3.94 4.32 22.32
C THR A 283 5.18 3.78 21.63
N SER A 284 5.53 4.32 20.47
CA SER A 284 6.78 3.95 19.81
C SER A 284 8.03 4.09 20.72
N THR A 285 8.19 5.28 21.28
CA THR A 285 9.29 5.51 22.18
C THR A 285 9.26 4.51 23.35
N THR A 286 8.11 4.37 24.03
CA THR A 286 7.98 3.50 25.21
C THR A 286 8.39 2.07 24.88
N LEU A 287 7.89 1.59 23.74
CA LEU A 287 8.27 0.29 23.23
C LEU A 287 9.79 0.22 23.05
N ARG A 288 10.36 1.24 22.41
CA ARG A 288 11.79 1.24 22.20
C ARG A 288 12.60 1.26 23.50
N TYR A 289 12.19 2.05 24.52
CA TYR A 289 12.84 1.91 25.86
C TYR A 289 12.69 0.47 26.39
N GLY A 290 11.48 -0.08 26.27
CA GLY A 290 11.23 -1.44 26.73
C GLY A 290 12.27 -2.41 26.20
N LEU A 291 12.42 -2.40 24.88
CA LEU A 291 13.31 -3.34 24.25
C LEU A 291 14.71 -3.15 24.74
N LEU A 292 15.16 -1.88 24.80
CA LEU A 292 16.51 -1.60 25.27
C LEU A 292 16.66 -2.04 26.73
N ILE A 293 15.73 -1.65 27.58
CA ILE A 293 15.71 -2.11 28.97
C ILE A 293 15.92 -3.61 29.01
N LEU A 294 15.08 -4.34 28.28
CA LEU A 294 15.07 -5.81 28.34
C LEU A 294 16.38 -6.47 27.93
N MET A 295 17.19 -5.73 27.17
CA MET A 295 18.50 -6.22 26.78
C MET A 295 19.54 -6.00 27.86
N LYS A 296 19.33 -5.00 28.70
CA LYS A 296 20.15 -4.77 29.91
C LYS A 296 20.02 -5.93 30.90
N TYR A 297 18.80 -6.42 31.07
CA TYR A 297 18.49 -7.42 32.09
C TYR A 297 17.99 -8.73 31.46
N PRO A 298 18.93 -9.51 30.90
CA PRO A 298 18.54 -10.68 30.08
C PRO A 298 17.71 -11.68 30.88
N GLU A 299 17.91 -11.71 32.19
CA GLU A 299 17.22 -12.65 33.05
C GLU A 299 15.73 -12.36 33.19
N ILE A 300 15.35 -11.11 32.93
CA ILE A 300 13.97 -10.71 32.96
C ILE A 300 13.32 -11.11 31.64
N GLU A 301 14.05 -10.93 30.55
CA GLU A 301 13.58 -11.43 29.24
C GLU A 301 13.26 -12.92 29.35
N GLU A 302 14.22 -13.69 29.87
CA GLU A 302 14.10 -15.15 30.00
C GLU A 302 12.88 -15.54 30.81
N LYS A 303 12.67 -14.83 31.92
CA LYS A 303 11.52 -15.04 32.78
C LYS A 303 10.24 -14.73 32.03
N LEU A 304 10.28 -13.69 31.22
CA LEU A 304 9.12 -13.25 30.46
C LEU A 304 8.76 -14.29 29.39
N HIS A 305 9.79 -14.76 28.68
CA HIS A 305 9.61 -15.80 27.67
C HIS A 305 8.93 -17.01 28.27
N GLU A 306 9.46 -17.46 29.40
CA GLU A 306 8.93 -18.62 30.07
C GLU A 306 7.41 -18.52 30.23
N GLU A 307 6.94 -17.34 30.61
CA GLU A 307 5.53 -17.06 30.88
C GLU A 307 4.70 -17.05 29.61
N ILE A 308 5.18 -16.37 28.57
CA ILE A 308 4.55 -16.35 27.24
C ILE A 308 4.29 -17.76 26.77
N ASP A 309 5.33 -18.59 26.87
CA ASP A 309 5.26 -19.99 26.48
C ASP A 309 4.30 -20.78 27.36
N ARG A 310 4.45 -20.61 28.68
CA ARG A 310 3.57 -21.27 29.63
C ARG A 310 2.10 -20.92 29.37
N VAL A 311 1.81 -19.65 29.12
CA VAL A 311 0.43 -19.16 29.15
C VAL A 311 -0.22 -18.94 27.78
N ILE A 312 0.57 -18.72 26.74
CA ILE A 312 0.04 -18.39 25.42
C ILE A 312 0.48 -19.38 24.36
N GLY A 313 1.60 -20.07 24.63
CA GLY A 313 2.21 -20.99 23.67
C GLY A 313 2.98 -20.24 22.60
N PRO A 314 3.79 -20.97 21.80
CA PRO A 314 4.60 -20.28 20.79
C PRO A 314 3.82 -19.93 19.53
N SER A 315 2.49 -20.01 19.58
CA SER A 315 1.70 -19.92 18.36
C SER A 315 0.61 -18.86 18.40
N ARG A 316 -0.36 -19.07 19.29
CA ARG A 316 -1.57 -18.26 19.35
C ARG A 316 -1.19 -16.82 19.63
N ILE A 317 -1.81 -15.87 18.93
CA ILE A 317 -1.58 -14.45 19.18
C ILE A 317 -2.05 -14.03 20.57
N PRO A 318 -1.22 -13.23 21.27
CA PRO A 318 -1.58 -12.64 22.54
C PRO A 318 -2.93 -11.90 22.50
N ALA A 319 -3.68 -12.05 23.60
CA ALA A 319 -4.98 -11.39 23.76
C ALA A 319 -5.00 -10.67 25.10
N ILE A 320 -5.90 -9.70 25.22
CA ILE A 320 -6.06 -8.93 26.44
C ILE A 320 -6.38 -9.74 27.72
N LYS A 321 -7.05 -10.86 27.56
CA LYS A 321 -7.47 -11.64 28.71
C LYS A 321 -6.30 -12.42 29.29
N ASP A 322 -5.19 -12.49 28.56
CA ASP A 322 -3.99 -13.21 29.04
C ASP A 322 -3.20 -12.41 30.05
N ARG A 323 -3.48 -11.12 30.12
CA ARG A 323 -2.83 -10.21 31.04
C ARG A 323 -3.10 -10.64 32.50
N GLN A 324 -4.37 -10.94 32.81
CA GLN A 324 -4.76 -11.39 34.16
C GLN A 324 -4.03 -12.68 34.57
N GLU A 325 -3.54 -13.42 33.58
CA GLU A 325 -2.85 -14.69 33.81
C GLU A 325 -1.34 -14.56 33.84
N MET A 326 -0.82 -13.36 33.54
CA MET A 326 0.63 -13.11 33.36
C MET A 326 1.11 -11.91 34.19
N PRO A 327 1.59 -12.16 35.43
CA PRO A 327 1.91 -11.04 36.29
C PRO A 327 3.32 -10.49 36.06
N TYR A 328 4.21 -11.31 35.54
CA TYR A 328 5.55 -10.84 35.24
C TYR A 328 5.48 -9.93 34.04
N MET A 329 4.88 -10.39 32.96
CA MET A 329 4.58 -9.56 31.81
C MET A 329 3.92 -8.23 32.22
N ASP A 330 2.82 -8.33 32.94
CA ASP A 330 2.08 -7.17 33.43
C ASP A 330 3.01 -6.17 34.09
N ALA A 331 3.70 -6.63 35.13
CA ALA A 331 4.60 -5.79 35.91
C ALA A 331 5.70 -5.19 35.08
N VAL A 332 6.15 -5.93 34.08
CA VAL A 332 7.22 -5.46 33.24
C VAL A 332 6.69 -4.26 32.47
N VAL A 333 5.56 -4.46 31.81
CA VAL A 333 4.90 -3.40 31.09
C VAL A 333 4.75 -2.15 31.99
N HIS A 334 4.43 -2.35 33.26
CA HIS A 334 4.25 -1.23 34.16
C HIS A 334 5.56 -0.55 34.49
N GLU A 335 6.53 -1.33 34.96
CA GLU A 335 7.81 -0.76 35.36
C GLU A 335 8.47 -0.07 34.14
N ILE A 336 8.32 -0.65 32.94
CA ILE A 336 8.81 0.00 31.74
C ILE A 336 8.35 1.45 31.74
N GLN A 337 7.05 1.68 31.89
CA GLN A 337 6.49 3.04 31.88
C GLN A 337 6.85 3.85 33.13
N ARG A 338 7.03 3.18 34.26
CA ARG A 338 7.28 3.88 35.51
C ARG A 338 8.70 4.37 35.50
N PHE A 339 9.58 3.49 35.08
CA PHE A 339 11.01 3.71 35.13
C PHE A 339 11.44 4.83 34.18
N ILE A 340 10.84 4.90 33.00
CA ILE A 340 11.36 5.76 31.93
C ILE A 340 10.72 7.14 31.87
N THR A 341 9.66 7.31 32.64
CA THR A 341 9.03 8.61 32.90
C THR A 341 9.03 9.50 31.67
N LEU A 342 8.34 9.02 30.63
CA LEU A 342 8.34 9.64 29.31
C LEU A 342 7.99 11.12 29.39
N VAL A 343 6.86 11.44 30.01
CA VAL A 343 6.47 12.84 30.22
C VAL A 343 6.75 13.24 31.67
N PRO A 344 8.01 13.54 31.98
CA PRO A 344 8.44 13.56 33.37
C PRO A 344 7.90 14.77 34.11
N SER A 345 7.60 15.83 33.35
CA SER A 345 7.05 17.07 33.89
C SER A 345 5.55 17.22 33.67
N ASN A 346 4.89 16.15 33.26
CA ASN A 346 3.50 16.23 32.88
C ASN A 346 3.35 17.23 31.72
N LEU A 347 2.12 17.44 31.28
CA LEU A 347 1.84 18.52 30.34
C LEU A 347 1.31 19.68 31.15
N PRO A 348 1.70 20.93 30.80
CA PRO A 348 1.42 22.11 31.61
C PRO A 348 -0.07 22.46 31.76
N HIS A 349 -0.54 22.60 33.00
CA HIS A 349 -1.90 23.03 33.23
C HIS A 349 -1.86 24.52 33.40
N GLU A 350 -3.03 25.14 33.27
CA GLU A 350 -3.21 26.54 33.64
C GLU A 350 -4.33 26.68 34.64
N ALA A 351 -4.12 27.60 35.57
CA ALA A 351 -5.14 28.01 36.50
C ALA A 351 -6.22 28.81 35.74
N THR A 352 -7.45 28.31 35.81
CA THR A 352 -8.61 28.88 35.13
C THR A 352 -9.22 30.08 35.85
N ARG A 353 -9.54 29.94 37.14
CA ARG A 353 -10.17 31.01 37.97
C ARG A 353 -9.38 31.18 39.26
N ASP A 354 -9.18 32.43 39.74
CA ASP A 354 -8.30 32.76 40.94
C ASP A 354 -8.47 31.73 42.07
N THR A 355 -7.38 31.09 42.51
CA THR A 355 -7.50 29.83 43.28
C THR A 355 -6.65 29.71 44.53
N ILE A 356 -7.20 29.07 45.55
CA ILE A 356 -6.49 28.84 46.79
C ILE A 356 -5.99 27.39 46.91
N PHE A 357 -4.66 27.19 46.82
CA PHE A 357 -4.05 25.85 46.95
C PHE A 357 -3.25 25.72 48.23
N ARG A 358 -3.77 24.90 49.16
CA ARG A 358 -3.26 24.88 50.53
C ARG A 358 -3.36 26.33 51.02
N GLY A 359 -2.25 26.88 51.51
CA GLY A 359 -2.26 28.25 51.98
C GLY A 359 -2.46 29.22 50.84
N TYR A 360 -1.96 28.85 49.67
CA TYR A 360 -1.54 29.85 48.70
C TYR A 360 -2.56 30.24 47.65
N LEU A 361 -2.52 31.52 47.30
CA LEU A 361 -3.25 32.03 46.19
C LEU A 361 -2.47 31.68 44.95
N ILE A 362 -3.17 31.16 43.94
CA ILE A 362 -2.59 30.90 42.63
C ILE A 362 -3.41 31.65 41.60
N PRO A 363 -2.84 32.76 41.09
CA PRO A 363 -3.49 33.74 40.22
C PRO A 363 -3.96 33.12 38.92
N LYS A 364 -4.80 33.83 38.17
CA LYS A 364 -5.25 33.28 36.90
C LYS A 364 -4.26 33.32 35.77
N GLY A 365 -4.24 32.26 35.00
CA GLY A 365 -3.27 32.13 33.92
C GLY A 365 -1.91 31.60 34.37
N THR A 366 -1.78 31.30 35.66
CA THR A 366 -0.56 30.66 36.21
C THR A 366 -0.37 29.24 35.65
N VAL A 367 0.84 28.97 35.15
CA VAL A 367 1.14 27.64 34.64
C VAL A 367 1.33 26.68 35.82
N VAL A 368 0.48 25.67 35.90
CA VAL A 368 0.53 24.76 37.01
C VAL A 368 1.20 23.52 36.49
N VAL A 369 2.30 23.14 37.13
CA VAL A 369 3.06 21.95 36.73
C VAL A 369 2.89 20.82 37.76
N PRO A 370 2.08 19.80 37.43
CA PRO A 370 1.99 18.68 38.37
C PRO A 370 2.92 17.54 37.95
N THR A 371 4.11 17.54 38.52
CA THR A 371 5.23 16.75 38.03
C THR A 371 5.06 15.25 38.21
N LEU A 372 5.05 14.52 37.11
CA LEU A 372 4.89 13.07 37.15
C LEU A 372 6.07 12.28 37.69
N ASP A 373 7.29 12.59 37.24
CA ASP A 373 8.45 11.82 37.68
C ASP A 373 8.59 11.82 39.22
N SER A 374 8.24 12.92 39.86
CA SER A 374 8.20 13.01 41.31
C SER A 374 7.21 12.03 41.97
N VAL A 375 6.15 11.68 41.25
CA VAL A 375 5.20 10.67 41.70
C VAL A 375 5.80 9.30 41.42
N LEU A 376 6.33 9.13 40.21
CA LEU A 376 6.77 7.82 39.70
C LEU A 376 8.02 7.27 40.37
N TYR A 377 8.72 8.14 41.09
CA TYR A 377 9.96 7.75 41.74
C TYR A 377 9.84 7.86 43.24
N ASP A 378 8.61 7.74 43.76
CA ASP A 378 8.41 7.70 45.20
C ASP A 378 9.27 6.60 45.74
N ASN A 379 10.15 6.93 46.67
CA ASN A 379 11.05 5.94 47.21
C ASN A 379 10.48 5.27 48.45
N GLN A 380 9.20 5.56 48.74
CA GLN A 380 8.43 4.73 49.65
C GLN A 380 7.66 3.71 48.83
N GLU A 381 6.92 4.16 47.84
CA GLU A 381 6.14 3.25 47.01
C GLU A 381 7.08 2.35 46.24
N PHE A 382 8.12 2.92 45.65
CA PHE A 382 9.01 2.14 44.82
C PHE A 382 10.43 2.24 45.37
N PRO A 383 10.73 1.46 46.45
CA PRO A 383 12.09 1.32 46.99
C PRO A 383 13.10 1.11 45.88
N ASP A 384 14.27 1.72 45.99
CA ASP A 384 15.16 1.85 44.84
C ASP A 384 14.35 2.26 43.59
N PRO A 385 13.86 3.50 43.56
CA PRO A 385 13.01 3.88 42.45
C PRO A 385 13.85 4.14 41.22
N GLU A 386 15.14 4.37 41.45
CA GLU A 386 16.07 4.61 40.39
C GLU A 386 16.45 3.31 39.66
N LYS A 387 16.14 2.16 40.27
CA LYS A 387 16.46 0.85 39.68
C LYS A 387 15.29 0.24 38.90
N PHE A 388 15.57 -0.39 37.76
CA PHE A 388 14.51 -1.06 37.02
C PHE A 388 14.19 -2.39 37.68
N LYS A 389 13.04 -2.47 38.34
CA LYS A 389 12.71 -3.67 39.10
C LYS A 389 11.27 -4.03 39.00
N PRO A 390 10.96 -5.07 38.22
CA PRO A 390 9.60 -5.54 38.12
C PRO A 390 8.90 -5.72 39.46
N GLU A 391 9.63 -6.09 40.50
CA GLU A 391 9.04 -6.34 41.81
C GLU A 391 8.18 -5.16 42.23
N HIS A 392 8.46 -3.97 41.68
CA HIS A 392 7.77 -2.75 42.09
C HIS A 392 6.25 -2.92 41.95
N PHE A 393 5.85 -3.72 40.96
CA PHE A 393 4.44 -4.05 40.67
C PHE A 393 4.05 -5.51 40.98
N LEU A 394 4.90 -6.19 41.75
CA LEU A 394 4.66 -7.54 42.25
C LEU A 394 4.58 -7.49 43.74
N ASN A 395 3.86 -8.44 44.33
CA ASN A 395 3.82 -8.56 45.80
C ASN A 395 4.54 -9.85 46.15
N GLU A 396 5.03 -9.96 47.39
CA GLU A 396 5.95 -11.06 47.79
C GLU A 396 5.35 -12.40 47.43
N ASN A 397 4.08 -12.30 47.10
CA ASN A 397 3.22 -13.38 46.69
C ASN A 397 3.36 -13.84 45.24
N GLY A 398 4.03 -13.02 44.42
CA GLY A 398 4.26 -13.32 43.01
C GLY A 398 3.17 -12.83 42.07
N LYS A 399 2.04 -12.42 42.63
CA LYS A 399 0.92 -11.90 41.84
C LYS A 399 1.15 -10.41 41.52
N PHE A 400 0.30 -9.83 40.68
CA PHE A 400 0.39 -8.41 40.38
C PHE A 400 0.01 -7.57 41.60
N LYS A 401 0.67 -6.42 41.76
CA LYS A 401 0.35 -5.45 42.80
C LYS A 401 0.24 -4.11 42.17
N TYR A 402 -0.92 -3.47 42.34
CA TYR A 402 -1.22 -2.19 41.72
C TYR A 402 -0.73 -1.05 42.58
N SER A 403 -0.17 -0.02 41.94
CA SER A 403 0.20 1.19 42.67
C SER A 403 -0.60 2.42 42.26
N ASP A 404 -1.09 3.12 43.28
CA ASP A 404 -1.78 4.38 43.08
C ASP A 404 -0.82 5.45 42.55
N TYR A 405 0.47 5.13 42.55
CA TYR A 405 1.50 6.07 42.11
C TYR A 405 1.85 5.86 40.65
N PHE A 406 1.25 4.85 40.05
CA PHE A 406 1.42 4.62 38.64
C PHE A 406 0.53 5.59 37.90
N LYS A 407 1.05 6.78 37.61
CA LYS A 407 0.30 7.77 36.83
C LYS A 407 1.11 8.41 35.68
N PRO A 408 1.75 7.61 34.81
CA PRO A 408 2.56 8.22 33.75
C PRO A 408 1.71 8.79 32.64
N PHE A 409 0.39 8.56 32.72
CA PHE A 409 -0.58 9.20 31.83
C PHE A 409 -1.19 10.41 32.50
N SER A 410 -0.87 10.58 33.79
CA SER A 410 -1.49 11.61 34.61
C SER A 410 -2.85 11.11 35.11
N THR A 411 -3.63 12.03 35.68
CA THR A 411 -5.01 11.76 36.07
C THR A 411 -5.82 13.03 36.02
N GLY A 412 -7.12 12.93 36.33
CA GLY A 412 -7.99 14.10 36.34
C GLY A 412 -8.57 14.43 34.98
N LYS A 413 -8.71 15.73 34.70
CA LYS A 413 -9.53 16.17 33.58
C LYS A 413 -8.77 16.30 32.30
N ARG A 414 -7.45 16.32 32.42
CA ARG A 414 -6.65 16.26 31.22
C ARG A 414 -5.90 14.94 31.12
N VAL A 415 -6.36 13.94 31.89
CA VAL A 415 -5.75 12.62 31.80
C VAL A 415 -5.59 12.23 30.32
N CYS A 416 -4.41 11.70 29.98
CA CYS A 416 -4.16 11.19 28.65
C CYS A 416 -5.40 10.51 28.07
N ALA A 417 -5.78 10.96 26.88
CA ALA A 417 -6.96 10.43 26.22
C ALA A 417 -6.73 9.02 25.65
N GLY A 418 -5.50 8.73 25.23
CA GLY A 418 -5.24 7.50 24.52
C GLY A 418 -4.78 6.42 25.44
N GLU A 419 -5.02 6.58 26.74
CA GLU A 419 -4.58 5.63 27.76
C GLU A 419 -4.96 4.17 27.49
N GLY A 420 -6.23 3.86 27.32
CA GLY A 420 -6.61 2.48 27.09
C GLY A 420 -5.83 1.84 25.97
N LEU A 421 -5.79 2.53 24.83
CA LEU A 421 -5.09 2.05 23.63
C LEU A 421 -3.56 1.98 23.82
N ALA A 422 -3.03 2.97 24.51
CA ALA A 422 -1.66 2.92 24.95
C ALA A 422 -1.38 1.61 25.70
N ARG A 423 -2.06 1.44 26.82
CA ARG A 423 -1.87 0.29 27.72
C ARG A 423 -1.93 -1.02 27.00
N MET A 424 -2.89 -1.13 26.09
CA MET A 424 -3.16 -2.34 25.38
C MET A 424 -2.08 -2.55 24.36
N GLU A 425 -1.67 -1.45 23.73
CA GLU A 425 -0.71 -1.43 22.64
C GLU A 425 0.61 -1.97 23.14
N LEU A 426 1.04 -1.48 24.29
CA LEU A 426 2.27 -1.90 24.90
C LEU A 426 2.30 -3.38 25.20
N PHE A 427 1.34 -3.85 26.01
CA PHE A 427 1.30 -5.23 26.47
C PHE A 427 1.23 -6.24 25.33
N LEU A 428 0.31 -6.00 24.40
CA LEU A 428 0.05 -6.90 23.31
C LEU A 428 1.26 -6.98 22.38
N LEU A 429 1.65 -5.84 21.80
CA LEU A 429 2.81 -5.75 20.95
C LEU A 429 4.05 -6.32 21.59
N LEU A 430 4.38 -5.88 22.81
CA LEU A 430 5.56 -6.41 23.48
C LEU A 430 5.46 -7.91 23.53
N CYS A 431 4.38 -8.41 24.13
CA CYS A 431 4.07 -9.84 24.13
C CYS A 431 4.41 -10.50 22.81
N ALA A 432 3.84 -9.97 21.74
CA ALA A 432 4.08 -10.49 20.39
C ALA A 432 5.58 -10.59 20.09
N ILE A 433 6.29 -9.47 20.18
CA ILE A 433 7.65 -9.48 19.68
C ILE A 433 8.52 -10.48 20.44
N LEU A 434 8.22 -10.69 21.72
CA LEU A 434 8.99 -11.64 22.56
C LEU A 434 8.65 -13.10 22.31
N GLN A 435 7.36 -13.36 22.14
CA GLN A 435 6.83 -14.67 21.76
C GLN A 435 7.60 -15.27 20.59
N HIS A 436 7.88 -14.44 19.59
CA HIS A 436 8.55 -14.86 18.35
C HIS A 436 10.03 -14.51 18.26
N PHE A 437 10.51 -13.58 19.09
CA PHE A 437 11.90 -13.21 18.99
C PHE A 437 12.62 -13.17 20.31
N ASN A 438 13.90 -13.51 20.24
CA ASN A 438 14.82 -13.25 21.33
C ASN A 438 15.57 -11.99 20.95
N LEU A 439 16.00 -11.24 21.97
CA LEU A 439 16.67 -9.95 21.80
C LEU A 439 18.18 -10.10 21.92
N LYS A 440 18.90 -9.50 20.97
CA LYS A 440 20.35 -9.57 21.01
C LYS A 440 20.95 -8.15 21.08
N PRO A 441 21.58 -7.81 22.23
CA PRO A 441 22.38 -6.58 22.27
C PRO A 441 23.68 -6.72 21.50
N LEU A 442 24.16 -5.62 20.92
CA LEU A 442 25.41 -5.63 20.20
C LEU A 442 26.56 -5.20 21.09
N VAL A 443 26.26 -5.05 22.37
CA VAL A 443 27.23 -4.65 23.39
C VAL A 443 26.90 -5.46 24.60
N ASP A 444 27.80 -5.52 25.57
CA ASP A 444 27.53 -6.32 26.76
C ASP A 444 26.39 -5.70 27.58
N PRO A 445 25.38 -6.51 27.98
CA PRO A 445 24.31 -6.14 28.92
C PRO A 445 24.81 -5.39 30.15
N LYS A 446 26.13 -5.35 30.30
CA LYS A 446 26.79 -4.71 31.43
C LYS A 446 27.10 -3.28 31.07
N ASP A 447 27.12 -3.00 29.77
CA ASP A 447 27.61 -1.73 29.23
C ASP A 447 26.48 -0.91 28.62
N ILE A 448 25.26 -1.32 28.89
CA ILE A 448 24.10 -0.62 28.35
C ILE A 448 23.73 0.48 29.32
N ASP A 449 23.69 1.73 28.86
CA ASP A 449 23.31 2.86 29.70
C ASP A 449 21.91 3.35 29.38
N LEU A 450 21.01 3.17 30.34
CA LEU A 450 19.58 3.36 30.15
C LEU A 450 19.13 4.79 30.31
N SER A 451 20.04 5.63 30.80
CA SER A 451 19.81 7.07 30.95
C SER A 451 19.25 7.70 29.67
N PRO A 452 18.22 8.56 29.80
CA PRO A 452 17.78 9.34 28.66
C PRO A 452 18.95 10.14 28.07
N ILE A 453 18.89 10.45 26.78
CA ILE A 453 19.90 11.34 26.21
C ILE A 453 19.41 12.78 26.14
N HIS A 454 18.11 12.98 26.32
CA HIS A 454 17.54 14.30 26.46
C HIS A 454 16.37 14.26 27.40
N ILE A 455 16.23 15.35 28.14
CA ILE A 455 15.10 15.50 29.07
C ILE A 455 14.45 16.89 29.00
N GLY A 456 13.31 16.98 28.31
CA GLY A 456 12.48 18.17 28.39
C GLY A 456 10.98 17.84 28.44
N PHE A 457 10.37 18.07 27.29
CA PHE A 457 9.09 17.54 26.92
C PHE A 457 9.00 16.07 27.33
N GLY A 458 9.95 15.29 26.84
CA GLY A 458 9.96 13.86 27.08
C GLY A 458 11.27 13.37 27.63
N CYS A 459 11.36 12.05 27.80
CA CYS A 459 12.58 11.41 28.23
C CYS A 459 13.06 10.51 27.15
N ILE A 460 14.20 10.85 26.54
CA ILE A 460 14.59 10.22 25.28
C ILE A 460 15.78 9.23 25.32
N PRO A 461 15.56 7.99 24.84
CA PRO A 461 16.50 6.87 24.87
C PRO A 461 17.71 7.00 23.95
N PRO A 462 18.86 6.48 24.42
CA PRO A 462 20.03 6.39 23.56
C PRO A 462 19.64 5.70 22.25
N ARG A 463 20.19 6.17 21.13
CA ARG A 463 20.02 5.46 19.88
C ARG A 463 20.79 4.16 20.04
N TYR A 464 20.27 3.07 19.52
CA TYR A 464 20.94 1.78 19.63
C TYR A 464 20.45 0.92 18.53
N LYS A 465 21.23 -0.06 18.12
CA LYS A 465 20.70 -1.08 17.22
C LYS A 465 20.71 -2.42 17.91
N LEU A 466 19.93 -3.37 17.39
CA LEU A 466 19.94 -4.71 17.95
C LEU A 466 19.63 -5.81 16.92
N CYS A 467 19.77 -7.05 17.36
CA CYS A 467 19.42 -8.20 16.56
C CYS A 467 18.20 -8.86 17.15
N VAL A 468 17.31 -9.30 16.27
CA VAL A 468 16.20 -10.16 16.65
C VAL A 468 16.35 -11.54 16.01
N ILE A 469 16.51 -12.55 16.84
CA ILE A 469 16.64 -13.92 16.32
C ILE A 469 15.40 -14.76 16.64
N PRO A 470 14.75 -15.23 15.56
CA PRO A 470 13.50 -15.97 15.55
C PRO A 470 13.33 -16.97 16.69
N ARG A 471 12.11 -17.45 16.84
CA ARG A 471 11.83 -18.54 17.75
C ARG A 471 10.90 -19.58 17.09
N SER A 472 10.83 -19.52 15.75
CA SER A 472 10.06 -20.47 14.95
C SER A 472 10.41 -20.37 13.45
N LYS B 10 -15.28 -8.55 -58.15
CA LYS B 10 -15.35 -9.89 -57.49
C LYS B 10 -14.65 -9.93 -56.13
N LEU B 11 -15.41 -10.33 -55.11
CA LEU B 11 -14.91 -10.53 -53.74
C LEU B 11 -14.42 -11.96 -53.62
N PRO B 12 -13.57 -12.24 -52.61
CA PRO B 12 -13.04 -13.60 -52.46
C PRO B 12 -14.17 -14.56 -52.21
N PRO B 13 -14.00 -15.85 -52.58
CA PRO B 13 -15.10 -16.83 -52.56
C PRO B 13 -15.78 -16.98 -51.20
N GLY B 14 -16.79 -17.84 -51.13
CA GLY B 14 -17.54 -18.00 -49.89
C GLY B 14 -18.91 -18.62 -50.03
N PRO B 15 -19.49 -18.99 -48.89
CA PRO B 15 -20.74 -19.75 -48.83
C PRO B 15 -21.92 -18.85 -49.12
N PHE B 16 -22.96 -19.38 -49.74
CA PHE B 16 -24.12 -18.55 -49.98
C PHE B 16 -24.79 -18.03 -48.68
N PRO B 17 -24.82 -16.70 -48.51
CA PRO B 17 -25.35 -16.05 -47.30
C PRO B 17 -26.84 -16.06 -47.23
N LEU B 18 -27.37 -16.24 -46.04
CA LEU B 18 -28.81 -16.22 -45.81
C LEU B 18 -29.34 -14.81 -45.50
N PRO B 19 -30.63 -14.54 -45.77
CA PRO B 19 -31.21 -13.28 -45.36
C PRO B 19 -31.11 -13.04 -43.85
N ILE B 20 -30.71 -11.83 -43.46
CA ILE B 20 -30.55 -11.36 -42.06
C ILE B 20 -29.41 -11.99 -41.21
N ILE B 21 -29.27 -13.31 -41.24
CA ILE B 21 -28.23 -13.98 -40.47
C ILE B 21 -26.95 -14.19 -41.26
N GLY B 22 -27.08 -14.22 -42.58
CA GLY B 22 -25.91 -14.41 -43.44
C GLY B 22 -25.31 -15.79 -43.36
N ASN B 23 -24.05 -15.84 -42.94
CA ASN B 23 -23.31 -17.09 -42.91
C ASN B 23 -23.15 -17.69 -41.52
N LEU B 24 -24.04 -17.29 -40.61
CA LEU B 24 -23.98 -17.75 -39.24
C LEU B 24 -24.15 -19.25 -39.12
N PHE B 25 -24.82 -19.88 -40.06
CA PHE B 25 -24.86 -21.33 -40.05
C PHE B 25 -23.50 -22.01 -40.26
N GLN B 26 -22.57 -21.31 -40.91
CA GLN B 26 -21.25 -21.88 -41.24
C GLN B 26 -20.27 -21.68 -40.09
N LEU B 27 -20.80 -21.26 -38.95
CA LEU B 27 -19.99 -20.80 -37.83
C LEU B 27 -20.42 -21.46 -36.53
N GLU B 28 -19.43 -21.92 -35.78
CA GLU B 28 -19.67 -22.53 -34.49
C GLU B 28 -19.24 -21.49 -33.45
N LEU B 29 -20.21 -20.83 -32.82
CA LEU B 29 -19.94 -19.75 -31.84
C LEU B 29 -18.96 -20.15 -30.74
N LYS B 30 -19.19 -21.34 -30.15
CA LYS B 30 -18.24 -21.99 -29.24
C LYS B 30 -16.82 -21.91 -29.78
N ASN B 31 -16.66 -22.11 -31.10
CA ASN B 31 -15.33 -22.15 -31.71
C ASN B 31 -15.12 -21.55 -33.11
N ILE B 32 -15.07 -20.22 -33.17
CA ILE B 32 -14.94 -19.55 -34.47
C ILE B 32 -13.70 -19.96 -35.27
N PRO B 33 -12.48 -19.86 -34.70
CA PRO B 33 -11.30 -20.30 -35.42
C PRO B 33 -11.49 -21.62 -36.14
N LYS B 34 -11.93 -22.66 -35.44
CA LYS B 34 -12.16 -23.98 -36.05
C LYS B 34 -12.97 -23.81 -37.31
N SER B 35 -14.01 -22.97 -37.24
CA SER B 35 -14.87 -22.73 -38.38
C SER B 35 -14.09 -22.10 -39.52
N PHE B 36 -13.38 -21.02 -39.22
CA PHE B 36 -12.50 -20.41 -40.19
C PHE B 36 -11.62 -21.48 -40.84
N THR B 37 -10.93 -22.25 -40.01
CA THR B 37 -10.14 -23.34 -40.51
C THR B 37 -10.96 -24.22 -41.46
N ARG B 38 -12.19 -24.54 -41.08
CA ARG B 38 -13.03 -25.47 -41.83
C ARG B 38 -13.42 -24.85 -43.16
N LEU B 39 -13.79 -23.56 -43.12
CA LEU B 39 -14.06 -22.77 -44.31
C LEU B 39 -12.81 -22.62 -45.21
N ALA B 40 -11.64 -22.49 -44.60
CA ALA B 40 -10.39 -22.44 -45.37
C ALA B 40 -10.26 -23.64 -46.31
N GLN B 41 -10.70 -24.81 -45.84
CA GLN B 41 -10.68 -26.05 -46.60
C GLN B 41 -11.57 -26.00 -47.83
N ARG B 42 -12.62 -25.21 -47.78
CA ARG B 42 -13.62 -25.23 -48.83
C ARG B 42 -13.22 -24.19 -49.90
N PHE B 43 -12.65 -23.07 -49.48
CA PHE B 43 -12.50 -21.90 -50.34
C PHE B 43 -11.08 -21.39 -50.31
N GLY B 44 -10.20 -22.15 -49.68
CA GLY B 44 -8.80 -21.80 -49.62
C GLY B 44 -8.48 -20.62 -48.73
N PRO B 45 -7.44 -19.85 -49.09
CA PRO B 45 -6.74 -18.89 -48.23
C PRO B 45 -7.61 -17.70 -47.85
N VAL B 46 -8.09 -16.96 -48.84
CA VAL B 46 -8.86 -15.76 -48.61
C VAL B 46 -10.29 -16.13 -48.88
N PHE B 47 -11.18 -15.90 -47.90
CA PHE B 47 -12.62 -16.13 -48.14
C PHE B 47 -13.55 -15.04 -47.59
N THR B 48 -14.77 -14.98 -48.13
CA THR B 48 -15.75 -13.98 -47.70
C THR B 48 -16.83 -14.56 -46.80
N LEU B 49 -17.09 -13.86 -45.71
CA LEU B 49 -18.16 -14.21 -44.82
C LEU B 49 -19.08 -13.01 -44.56
N TYR B 50 -20.38 -13.24 -44.58
CA TYR B 50 -21.33 -12.26 -44.05
C TYR B 50 -21.86 -12.77 -42.71
N VAL B 51 -21.65 -11.98 -41.67
CA VAL B 51 -22.11 -12.36 -40.35
C VAL B 51 -22.93 -11.20 -39.75
N GLY B 52 -24.25 -11.36 -39.78
CA GLY B 52 -25.12 -10.21 -39.59
C GLY B 52 -25.06 -9.45 -40.89
N SER B 53 -25.22 -8.13 -40.81
CA SER B 53 -25.08 -7.29 -41.98
C SER B 53 -23.60 -7.25 -42.35
N GLN B 54 -22.74 -7.44 -41.35
CA GLN B 54 -21.30 -7.23 -41.51
C GLN B 54 -20.59 -8.28 -42.36
N ARG B 55 -19.99 -7.76 -43.42
CA ARG B 55 -19.26 -8.53 -44.43
C ARG B 55 -17.80 -8.56 -44.06
N MET B 56 -17.25 -9.74 -43.91
CA MET B 56 -15.84 -9.86 -43.60
C MET B 56 -15.04 -10.69 -44.58
N VAL B 57 -13.74 -10.39 -44.63
CA VAL B 57 -12.78 -11.23 -45.33
C VAL B 57 -11.83 -11.87 -44.32
N VAL B 58 -11.53 -13.13 -44.53
CA VAL B 58 -10.69 -13.88 -43.61
C VAL B 58 -9.44 -14.31 -44.38
N MET B 59 -8.28 -14.28 -43.74
CA MET B 59 -7.06 -14.78 -44.32
C MET B 59 -6.45 -15.89 -43.48
N HIS B 60 -6.25 -17.05 -44.10
CA HIS B 60 -5.90 -18.26 -43.40
C HIS B 60 -4.60 -18.88 -43.91
N GLY B 61 -3.60 -18.89 -43.04
CA GLY B 61 -2.31 -19.46 -43.39
C GLY B 61 -1.27 -18.41 -43.63
N TYR B 62 -0.05 -18.74 -43.21
CA TYR B 62 1.07 -17.82 -43.26
C TYR B 62 1.12 -16.92 -44.51
N LYS B 63 1.09 -17.49 -45.70
CA LYS B 63 1.23 -16.69 -46.93
C LYS B 63 0.17 -15.58 -47.04
N ALA B 64 -1.08 -15.95 -46.80
CA ALA B 64 -2.23 -15.05 -46.93
C ALA B 64 -2.32 -14.02 -45.81
N VAL B 65 -1.94 -14.40 -44.59
CA VAL B 65 -1.99 -13.47 -43.48
C VAL B 65 -0.87 -12.44 -43.57
N LYS B 66 0.33 -12.89 -43.89
CA LYS B 66 1.47 -11.99 -44.02
C LYS B 66 1.25 -11.02 -45.18
N GLU B 67 0.80 -11.53 -46.30
CA GLU B 67 0.47 -10.64 -47.42
C GLU B 67 -0.52 -9.55 -46.96
N ALA B 68 -1.57 -9.99 -46.26
CA ALA B 68 -2.61 -9.10 -45.73
C ALA B 68 -2.02 -8.08 -44.78
N LEU B 69 -1.26 -8.55 -43.80
CA LEU B 69 -0.73 -7.68 -42.76
C LEU B 69 0.48 -6.82 -43.14
N LEU B 70 1.34 -7.35 -44.01
CA LEU B 70 2.59 -6.68 -44.34
C LEU B 70 2.63 -5.94 -45.68
N ASP B 71 1.77 -6.36 -46.61
CA ASP B 71 1.74 -5.75 -47.93
C ASP B 71 0.69 -4.66 -48.08
N TYR B 72 -0.41 -4.82 -47.34
CA TYR B 72 -1.47 -3.83 -47.28
C TYR B 72 -1.61 -3.25 -45.87
N LYS B 73 -0.48 -2.82 -45.29
CA LYS B 73 -0.51 -2.05 -44.05
C LYS B 73 -1.62 -0.97 -44.23
N ASP B 74 -1.41 -0.03 -45.14
CA ASP B 74 -2.30 1.13 -45.22
C ASP B 74 -3.72 0.86 -45.66
N GLU B 75 -3.91 -0.18 -46.47
CA GLU B 75 -5.23 -0.53 -46.97
C GLU B 75 -6.06 -1.24 -45.89
N PHE B 76 -5.37 -1.97 -45.02
CA PHE B 76 -6.03 -2.78 -43.98
C PHE B 76 -5.76 -2.22 -42.58
N SER B 77 -5.81 -0.88 -42.51
CA SER B 77 -5.42 -0.11 -41.34
C SER B 77 -6.49 -0.03 -40.27
N GLY B 78 -7.74 -0.15 -40.70
CA GLY B 78 -8.88 0.03 -39.81
C GLY B 78 -8.95 -0.95 -38.68
N ARG B 79 -9.94 -0.76 -37.83
CA ARG B 79 -10.19 -1.64 -36.71
C ARG B 79 -11.66 -1.97 -36.75
N GLY B 80 -11.97 -3.24 -36.96
CA GLY B 80 -13.37 -3.67 -36.93
C GLY B 80 -14.02 -3.30 -35.62
N ASP B 81 -15.32 -3.10 -35.64
CA ASP B 81 -16.00 -2.72 -34.41
C ASP B 81 -16.13 -3.93 -33.50
N LEU B 82 -16.07 -3.68 -32.19
CA LEU B 82 -16.33 -4.68 -31.20
C LEU B 82 -17.28 -4.06 -30.20
N PRO B 83 -18.60 -4.24 -30.42
CA PRO B 83 -19.73 -3.64 -29.70
C PRO B 83 -19.73 -3.76 -28.16
N ALA B 84 -19.06 -4.77 -27.63
CA ALA B 84 -18.79 -4.80 -26.18
C ALA B 84 -17.98 -3.56 -25.76
N PHE B 85 -17.20 -3.04 -26.69
CA PHE B 85 -16.30 -1.92 -26.44
C PHE B 85 -16.68 -0.60 -27.09
N HIS B 86 -17.97 -0.39 -27.37
CA HIS B 86 -18.39 0.94 -27.84
C HIS B 86 -17.84 2.02 -26.88
N ALA B 87 -17.81 1.72 -25.58
CA ALA B 87 -17.16 2.58 -24.60
C ALA B 87 -15.70 2.99 -24.98
N HIS B 88 -15.02 2.23 -25.83
CA HIS B 88 -13.61 2.49 -26.19
C HIS B 88 -13.43 2.94 -27.64
N ARG B 89 -14.50 2.81 -28.41
CA ARG B 89 -14.44 2.92 -29.86
C ARG B 89 -13.86 4.26 -30.33
N ASP B 90 -13.10 4.20 -31.42
CA ASP B 90 -12.53 5.37 -32.11
C ASP B 90 -11.83 6.36 -31.17
N ARG B 91 -11.44 5.88 -29.99
CA ARG B 91 -10.50 6.61 -29.15
C ARG B 91 -9.40 5.63 -28.75
N GLY B 92 -8.46 6.06 -27.91
CA GLY B 92 -7.33 5.21 -27.46
C GLY B 92 -6.42 4.59 -28.52
N ILE B 93 -6.31 3.27 -28.49
CA ILE B 93 -5.53 2.52 -29.48
C ILE B 93 -6.32 1.29 -29.99
N ILE B 94 -6.47 0.29 -29.14
CA ILE B 94 -7.04 -1.00 -29.54
C ILE B 94 -8.30 -0.86 -30.39
N PHE B 95 -9.23 -0.02 -29.96
CA PHE B 95 -10.53 0.08 -30.62
C PHE B 95 -10.65 1.39 -31.36
N ASN B 96 -9.51 1.96 -31.72
CA ASN B 96 -9.47 3.25 -32.41
C ASN B 96 -9.42 3.12 -33.93
N ASN B 97 -10.58 3.24 -34.56
CA ASN B 97 -10.69 3.24 -36.01
C ASN B 97 -10.78 4.67 -36.54
N GLY B 98 -10.53 5.65 -35.67
CA GLY B 98 -10.59 7.06 -36.05
C GLY B 98 -9.31 7.64 -36.63
N PRO B 99 -9.38 8.93 -37.03
CA PRO B 99 -8.18 9.69 -37.45
C PRO B 99 -7.28 10.03 -36.25
N THR B 100 -7.79 9.85 -35.04
CA THR B 100 -6.97 10.04 -33.86
C THR B 100 -5.97 8.89 -33.65
N TRP B 101 -6.25 7.74 -34.27
CA TRP B 101 -5.49 6.53 -33.99
C TRP B 101 -3.99 6.70 -34.19
N LYS B 102 -3.60 7.08 -35.41
CA LYS B 102 -2.22 7.09 -35.88
C LYS B 102 -1.19 7.76 -34.97
N ASP B 103 -1.49 8.97 -34.51
CA ASP B 103 -0.64 9.69 -33.56
C ASP B 103 -0.81 9.22 -32.11
N ILE B 104 -2.04 8.95 -31.67
CA ILE B 104 -2.22 8.48 -30.28
C ILE B 104 -1.37 7.23 -30.08
N ARG B 105 -1.41 6.30 -31.03
CA ARG B 105 -0.48 5.19 -31.00
C ARG B 105 0.98 5.66 -31.05
N ARG B 106 1.39 6.36 -32.11
CA ARG B 106 2.81 6.68 -32.27
C ARG B 106 3.39 7.33 -31.03
N PHE B 107 2.61 8.19 -30.39
CA PHE B 107 3.09 8.83 -29.18
C PHE B 107 3.20 7.79 -28.07
N SER B 108 2.10 7.11 -27.78
CA SER B 108 2.06 6.14 -26.70
C SER B 108 3.23 5.19 -26.86
N LEU B 109 3.54 4.84 -28.10
CA LEU B 109 4.54 3.83 -28.39
C LEU B 109 5.94 4.36 -28.15
N THR B 110 6.12 5.65 -28.41
CA THR B 110 7.35 6.33 -28.03
C THR B 110 7.50 6.31 -26.50
N THR B 111 6.41 6.65 -25.79
CA THR B 111 6.43 6.72 -24.32
C THR B 111 6.70 5.35 -23.68
N LEU B 112 5.97 4.32 -24.13
CA LEU B 112 6.22 2.96 -23.70
C LEU B 112 7.69 2.59 -23.87
N ARG B 113 8.23 2.88 -25.06
CA ARG B 113 9.65 2.66 -25.36
C ARG B 113 10.53 3.46 -24.39
N ASN B 114 10.23 4.75 -24.24
CA ASN B 114 11.00 5.66 -23.36
C ASN B 114 10.97 5.35 -21.87
N TYR B 115 10.06 4.45 -21.46
CA TYR B 115 10.01 3.92 -20.09
C TYR B 115 10.70 2.54 -19.98
N GLY B 116 11.34 2.11 -21.07
CA GLY B 116 12.15 0.87 -21.09
C GLY B 116 13.52 0.95 -20.42
N GLY B 121 15.32 -0.15 -17.32
CA GLY B 121 14.08 0.52 -16.93
C GLY B 121 12.94 -0.49 -16.86
N ASN B 122 12.61 -1.08 -18.01
CA ASN B 122 11.65 -2.18 -18.03
C ASN B 122 12.24 -3.38 -17.29
N GLU B 123 13.47 -3.75 -17.67
CA GLU B 123 14.17 -4.86 -17.03
C GLU B 123 14.04 -4.75 -15.51
N SER B 124 14.44 -3.60 -14.96
CA SER B 124 14.39 -3.38 -13.50
C SER B 124 12.98 -3.54 -12.97
N ARG B 125 12.04 -2.84 -13.59
CA ARG B 125 10.64 -2.81 -13.16
C ARG B 125 10.09 -4.22 -12.91
N ILE B 126 10.32 -5.10 -13.89
CA ILE B 126 9.89 -6.48 -13.86
C ILE B 126 10.65 -7.21 -12.77
N GLN B 127 11.97 -7.04 -12.77
CA GLN B 127 12.84 -7.67 -11.79
C GLN B 127 12.39 -7.33 -10.39
N ARG B 128 12.13 -6.04 -10.19
CA ARG B 128 11.63 -5.53 -8.94
C ARG B 128 10.34 -6.22 -8.60
N GLU B 129 9.42 -6.21 -9.54
CA GLU B 129 8.15 -6.88 -9.34
C GLU B 129 8.33 -8.36 -9.02
N ALA B 130 9.30 -9.01 -9.65
CA ALA B 130 9.48 -10.45 -9.43
C ALA B 130 9.64 -10.77 -7.95
N HIS B 131 10.35 -9.91 -7.24
CA HIS B 131 10.60 -10.07 -5.82
C HIS B 131 9.28 -10.28 -5.07
N PHE B 132 8.25 -9.51 -5.43
CA PHE B 132 6.93 -9.60 -4.80
C PHE B 132 6.21 -10.88 -5.18
N LEU B 133 6.42 -11.33 -6.40
CA LEU B 133 5.78 -12.54 -6.87
C LEU B 133 6.28 -13.70 -6.03
N LEU B 134 7.59 -13.85 -5.94
CA LEU B 134 8.21 -14.90 -5.14
C LEU B 134 7.71 -14.95 -3.69
N GLU B 135 7.66 -13.77 -3.06
CA GLU B 135 7.16 -13.61 -1.70
C GLU B 135 5.75 -14.14 -1.62
N ALA B 136 4.89 -13.56 -2.45
CA ALA B 136 3.50 -13.93 -2.55
C ALA B 136 3.36 -15.41 -2.79
N LEU B 137 4.31 -16.00 -3.51
CA LEU B 137 4.28 -17.44 -3.81
C LEU B 137 4.77 -18.30 -2.65
N ARG B 138 5.82 -17.84 -1.97
CA ARG B 138 6.34 -18.52 -0.78
C ARG B 138 5.24 -18.57 0.29
N LYS B 139 4.40 -17.52 0.30
CA LYS B 139 3.36 -17.38 1.29
C LYS B 139 2.26 -18.42 1.22
N THR B 140 2.01 -18.95 0.02
CA THR B 140 1.01 -20.03 -0.13
C THR B 140 1.43 -21.28 0.64
N GLN B 141 2.73 -21.35 0.96
CA GLN B 141 3.31 -22.43 1.76
C GLN B 141 3.02 -23.78 1.14
N GLY B 142 3.33 -23.92 -0.14
CA GLY B 142 3.17 -25.20 -0.84
C GLY B 142 1.83 -25.89 -0.58
N GLN B 143 0.81 -25.10 -0.31
CA GLN B 143 -0.56 -25.59 -0.29
C GLN B 143 -1.18 -25.22 -1.64
N PRO B 144 -2.28 -25.91 -2.00
CA PRO B 144 -3.09 -25.61 -3.18
C PRO B 144 -3.65 -24.19 -3.23
N PHE B 145 -3.30 -23.47 -4.28
CA PHE B 145 -3.84 -22.14 -4.54
C PHE B 145 -4.25 -21.95 -6.00
N ASP B 146 -5.28 -21.14 -6.24
CA ASP B 146 -5.68 -20.77 -7.60
C ASP B 146 -4.77 -19.59 -8.01
N PRO B 147 -3.90 -19.80 -9.03
CA PRO B 147 -2.88 -18.82 -9.42
C PRO B 147 -3.40 -17.63 -10.21
N THR B 148 -4.61 -17.74 -10.75
CA THR B 148 -5.24 -16.67 -11.54
C THR B 148 -5.02 -15.24 -10.97
N PHE B 149 -4.90 -15.14 -9.65
CA PHE B 149 -4.88 -13.85 -8.98
C PHE B 149 -3.65 -13.66 -8.12
N LEU B 150 -2.70 -14.55 -8.28
CA LEU B 150 -1.41 -14.35 -7.68
C LEU B 150 -0.47 -13.80 -8.74
N ILE B 151 -0.33 -14.57 -9.81
CA ILE B 151 0.67 -14.32 -10.82
C ILE B 151 0.30 -13.14 -11.68
N GLY B 152 -0.99 -12.91 -11.87
CA GLY B 152 -1.49 -11.77 -12.66
C GLY B 152 -1.20 -10.41 -12.04
N CYS B 153 -0.87 -10.43 -10.76
CA CYS B 153 -0.54 -9.21 -10.07
C CYS B 153 0.73 -8.64 -10.63
N ALA B 154 1.63 -9.51 -11.03
CA ALA B 154 2.92 -9.07 -11.55
C ALA B 154 2.83 -8.27 -12.86
N PRO B 155 2.08 -8.76 -13.88
CA PRO B 155 1.97 -7.95 -15.09
C PRO B 155 1.28 -6.63 -14.79
N CYS B 156 0.25 -6.71 -13.93
CA CYS B 156 -0.57 -5.57 -13.55
C CYS B 156 0.23 -4.43 -12.90
N ASN B 157 0.93 -4.76 -11.81
CA ASN B 157 1.81 -3.81 -11.16
C ASN B 157 2.83 -3.19 -12.10
N VAL B 158 3.45 -4.02 -12.95
CA VAL B 158 4.40 -3.52 -13.95
C VAL B 158 3.76 -2.41 -14.79
N ILE B 159 2.59 -2.70 -15.32
CA ILE B 159 1.88 -1.71 -16.13
C ILE B 159 1.36 -0.56 -15.27
N ALA B 160 0.93 -0.86 -14.03
CA ALA B 160 0.50 0.18 -13.09
C ALA B 160 1.61 1.19 -12.87
N ASP B 161 2.83 0.69 -12.71
CA ASP B 161 3.96 1.56 -12.52
C ASP B 161 4.13 2.48 -13.73
N ILE B 162 4.08 1.92 -14.94
CA ILE B 162 4.30 2.71 -16.14
C ILE B 162 3.16 3.67 -16.39
N LEU B 163 1.95 3.23 -16.10
CA LEU B 163 0.77 4.03 -16.38
C LEU B 163 0.53 5.10 -15.34
N PHE B 164 0.64 4.73 -14.07
CA PHE B 164 0.23 5.61 -12.97
C PHE B 164 1.26 5.76 -11.87
N ARG B 165 2.46 5.24 -12.10
CA ARG B 165 3.48 5.21 -11.04
C ARG B 165 2.89 4.55 -9.78
N LYS B 166 1.73 3.92 -9.94
CA LYS B 166 1.03 3.36 -8.80
C LYS B 166 1.59 1.98 -8.45
N HIS B 167 1.66 1.67 -7.16
CA HIS B 167 1.95 0.31 -6.74
C HIS B 167 0.91 -0.30 -5.80
N PHE B 168 0.54 -1.55 -6.09
CA PHE B 168 -0.55 -2.25 -5.41
C PHE B 168 -0.04 -3.38 -4.53
N ASP B 169 -0.69 -3.53 -3.39
CA ASP B 169 -0.51 -4.72 -2.58
C ASP B 169 -1.32 -5.87 -3.22
N TYR B 170 -0.79 -7.08 -3.10
CA TYR B 170 -1.39 -8.27 -3.70
C TYR B 170 -2.73 -8.62 -3.07
N ASN B 171 -3.29 -7.64 -2.35
CA ASN B 171 -4.47 -7.82 -1.51
C ASN B 171 -5.41 -6.63 -1.47
N ASP B 172 -4.98 -5.50 -2.03
CA ASP B 172 -5.86 -4.33 -2.13
C ASP B 172 -7.16 -4.77 -2.81
N GLU B 173 -8.28 -4.61 -2.08
CA GLU B 173 -9.60 -5.05 -2.54
C GLU B 173 -9.95 -4.58 -3.93
N LYS B 174 -9.49 -3.37 -4.26
CA LYS B 174 -9.76 -2.79 -5.57
C LYS B 174 -8.84 -3.39 -6.63
N PHE B 175 -7.58 -3.60 -6.29
CA PHE B 175 -6.62 -4.22 -7.19
C PHE B 175 -7.17 -5.55 -7.69
N LEU B 176 -7.47 -6.45 -6.75
CA LEU B 176 -8.11 -7.71 -7.08
C LEU B 176 -9.36 -7.49 -7.95
N ARG B 177 -10.17 -6.51 -7.56
CA ARG B 177 -11.42 -6.19 -8.26
C ARG B 177 -11.14 -5.91 -9.74
N LEU B 178 -10.19 -5.02 -10.02
CA LEU B 178 -9.74 -4.77 -11.39
C LEU B 178 -9.34 -6.05 -12.11
N MET B 179 -8.49 -6.84 -11.47
CA MET B 179 -7.95 -8.02 -12.11
C MET B 179 -9.07 -8.99 -12.42
N TYR B 180 -10.10 -8.96 -11.57
CA TYR B 180 -11.23 -9.86 -11.65
C TYR B 180 -12.10 -9.50 -12.85
N LEU B 181 -12.32 -8.20 -13.01
CA LEU B 181 -13.10 -7.67 -14.11
C LEU B 181 -12.41 -7.94 -15.44
N PHE B 182 -11.07 -7.83 -15.46
CA PHE B 182 -10.30 -8.13 -16.67
C PHE B 182 -10.50 -9.57 -17.04
N ASN B 183 -10.17 -10.42 -16.09
CA ASN B 183 -10.38 -11.82 -16.20
C ASN B 183 -11.78 -12.19 -16.65
N GLU B 184 -12.80 -11.73 -15.93
CA GLU B 184 -14.18 -12.03 -16.27
C GLU B 184 -14.51 -11.62 -17.69
N ASN B 185 -14.03 -10.45 -18.12
CA ASN B 185 -14.33 -9.98 -19.47
C ASN B 185 -13.62 -10.82 -20.51
N PHE B 186 -12.40 -11.24 -20.22
CA PHE B 186 -11.75 -12.16 -21.11
C PHE B 186 -12.59 -13.44 -21.23
N HIS B 187 -12.81 -14.13 -20.12
CA HIS B 187 -13.71 -15.29 -20.07
C HIS B 187 -14.94 -15.07 -20.95
N LEU B 188 -15.74 -14.09 -20.55
CA LEU B 188 -17.04 -13.85 -21.16
C LEU B 188 -16.90 -13.54 -22.62
N LEU B 189 -15.90 -12.71 -22.93
CA LEU B 189 -15.62 -12.21 -24.28
C LEU B 189 -15.29 -13.30 -25.30
N SER B 190 -14.87 -14.47 -24.82
CA SER B 190 -14.57 -15.61 -25.67
C SER B 190 -15.69 -16.68 -25.72
N THR B 191 -16.88 -16.38 -25.19
CA THR B 191 -17.99 -17.34 -25.20
C THR B 191 -18.97 -17.07 -26.34
N PRO B 192 -19.83 -18.05 -26.68
CA PRO B 192 -20.71 -17.88 -27.84
C PRO B 192 -21.65 -16.66 -27.77
N TRP B 193 -22.28 -16.44 -26.62
CA TRP B 193 -23.31 -15.42 -26.53
C TRP B 193 -22.70 -14.08 -26.97
N LEU B 194 -21.50 -13.79 -26.46
CA LEU B 194 -20.80 -12.58 -26.84
C LEU B 194 -20.28 -12.58 -28.29
N GLN B 195 -20.06 -13.77 -28.84
CA GLN B 195 -19.72 -13.87 -30.25
C GLN B 195 -20.90 -13.41 -31.11
N LEU B 196 -22.09 -13.88 -30.76
CA LEU B 196 -23.31 -13.49 -31.45
C LEU B 196 -23.61 -12.02 -31.18
N TYR B 197 -23.44 -11.61 -29.93
CA TYR B 197 -23.65 -10.21 -29.61
C TYR B 197 -22.65 -9.38 -30.36
N ASN B 198 -21.42 -9.86 -30.47
CA ASN B 198 -20.43 -9.13 -31.24
C ASN B 198 -20.98 -8.71 -32.60
N ASN B 199 -21.66 -9.64 -33.28
CA ASN B 199 -22.10 -9.37 -34.63
C ASN B 199 -23.60 -9.07 -34.82
N PHE B 200 -24.36 -9.04 -33.73
CA PHE B 200 -25.79 -8.73 -33.81
C PHE B 200 -26.22 -7.76 -32.73
N PRO B 201 -25.47 -6.65 -32.58
CA PRO B 201 -25.60 -5.85 -31.39
C PRO B 201 -26.94 -5.12 -31.32
N SER B 202 -27.42 -4.58 -32.42
CA SER B 202 -28.71 -3.88 -32.40
C SER B 202 -29.93 -4.76 -32.04
N PHE B 203 -29.88 -6.04 -32.44
CA PHE B 203 -30.96 -6.99 -32.13
C PHE B 203 -30.91 -7.45 -30.68
N LEU B 204 -29.69 -7.55 -30.16
CA LEU B 204 -29.46 -8.22 -28.92
C LEU B 204 -29.26 -7.26 -27.76
N HIS B 205 -28.91 -6.01 -28.05
CA HIS B 205 -28.39 -5.13 -27.00
C HIS B 205 -29.30 -4.99 -25.80
N TYR B 206 -30.60 -4.87 -26.00
CA TYR B 206 -31.48 -4.61 -24.86
C TYR B 206 -32.27 -5.82 -24.44
N LEU B 207 -31.93 -6.96 -25.03
CA LEU B 207 -32.39 -8.26 -24.58
C LEU B 207 -31.51 -8.69 -23.39
N PRO B 208 -32.07 -9.40 -22.38
CA PRO B 208 -31.25 -9.92 -21.26
C PRO B 208 -30.01 -10.68 -21.71
N GLY B 209 -28.98 -10.76 -20.88
CA GLY B 209 -27.84 -11.61 -21.21
C GLY B 209 -26.48 -11.09 -20.89
N SER B 210 -25.53 -12.03 -20.76
CA SER B 210 -24.15 -11.79 -20.30
C SER B 210 -23.34 -10.71 -21.04
N HIS B 211 -23.86 -10.17 -22.13
CA HIS B 211 -23.27 -8.98 -22.70
C HIS B 211 -23.50 -7.78 -21.78
N ARG B 212 -24.67 -7.72 -21.13
CA ARG B 212 -24.97 -6.63 -20.21
C ARG B 212 -23.94 -6.59 -19.12
N LYS B 213 -23.39 -7.74 -18.77
CA LYS B 213 -22.33 -7.82 -17.75
C LYS B 213 -21.02 -7.27 -18.26
N VAL B 214 -20.61 -7.72 -19.44
CA VAL B 214 -19.37 -7.26 -20.06
C VAL B 214 -19.33 -5.73 -20.15
N ILE B 215 -20.41 -5.15 -20.68
CA ILE B 215 -20.62 -3.70 -20.69
C ILE B 215 -20.40 -3.05 -19.30
N LYS B 216 -21.14 -3.48 -18.29
CA LYS B 216 -21.00 -2.89 -16.96
C LYS B 216 -19.53 -2.83 -16.56
N ASN B 217 -18.82 -3.90 -16.86
CA ASN B 217 -17.41 -4.07 -16.50
C ASN B 217 -16.43 -3.20 -17.27
N VAL B 218 -16.69 -3.01 -18.56
CA VAL B 218 -15.92 -2.05 -19.33
C VAL B 218 -16.14 -0.65 -18.75
N ALA B 219 -17.39 -0.31 -18.47
CA ALA B 219 -17.76 0.96 -17.84
C ALA B 219 -17.11 1.17 -16.48
N GLU B 220 -16.91 0.08 -15.73
CA GLU B 220 -16.35 0.15 -14.38
C GLU B 220 -14.86 0.42 -14.40
N VAL B 221 -14.16 -0.23 -15.33
CA VAL B 221 -12.72 -0.01 -15.50
C VAL B 221 -12.43 1.34 -16.10
N LYS B 222 -13.33 1.83 -16.95
CA LYS B 222 -13.16 3.15 -17.54
C LYS B 222 -13.34 4.24 -16.48
N GLU B 223 -14.40 4.15 -15.70
CA GLU B 223 -14.59 4.98 -14.49
C GLU B 223 -13.31 5.09 -13.63
N TYR B 224 -12.79 3.94 -13.21
CA TYR B 224 -11.57 3.87 -12.38
C TYR B 224 -10.36 4.50 -13.04
N VAL B 225 -10.06 4.12 -14.29
CA VAL B 225 -8.95 4.71 -15.03
C VAL B 225 -9.22 6.20 -15.18
N SER B 226 -10.50 6.54 -15.32
CA SER B 226 -10.91 7.93 -15.43
C SER B 226 -10.55 8.75 -14.20
N GLU B 227 -10.95 8.28 -13.03
CA GLU B 227 -10.67 8.98 -11.77
C GLU B 227 -9.17 9.22 -11.60
N ARG B 228 -8.38 8.23 -11.97
CA ARG B 228 -6.94 8.37 -11.86
C ARG B 228 -6.30 9.30 -12.87
N VAL B 229 -6.93 9.44 -14.03
CA VAL B 229 -6.50 10.44 -15.00
C VAL B 229 -6.78 11.80 -14.40
N LYS B 230 -7.97 11.93 -13.80
CA LYS B 230 -8.37 13.17 -13.11
C LYS B 230 -7.47 13.50 -11.92
N GLU B 231 -7.08 12.47 -11.16
CA GLU B 231 -6.18 12.66 -10.03
C GLU B 231 -4.83 13.19 -10.48
N HIS B 232 -4.38 12.67 -11.62
CA HIS B 232 -3.12 13.11 -12.24
C HIS B 232 -3.19 14.58 -12.69
N HIS B 233 -4.17 14.88 -13.53
CA HIS B 233 -4.43 16.23 -14.00
C HIS B 233 -4.42 17.26 -12.86
N GLN B 234 -5.20 16.97 -11.81
CA GLN B 234 -5.41 17.87 -10.67
C GLN B 234 -4.09 18.24 -9.98
N SER B 235 -3.04 17.48 -10.26
CA SER B 235 -1.79 17.56 -9.50
C SER B 235 -0.49 17.63 -10.31
N LEU B 236 -0.56 17.41 -11.62
CA LEU B 236 0.65 17.28 -12.45
C LEU B 236 1.48 18.55 -12.56
N ASP B 237 2.81 18.39 -12.58
CA ASP B 237 3.69 19.45 -13.08
C ASP B 237 4.39 18.98 -14.36
N PRO B 238 4.22 19.72 -15.48
CA PRO B 238 4.68 19.32 -16.81
C PRO B 238 6.17 19.05 -16.96
N ASN B 239 6.96 19.56 -16.01
CA ASN B 239 8.42 19.38 -16.01
C ASN B 239 8.83 17.99 -15.53
N CYS B 240 8.10 17.48 -14.53
CA CYS B 240 8.31 16.12 -14.03
C CYS B 240 7.12 15.22 -14.38
N PRO B 241 7.08 14.66 -15.61
CA PRO B 241 6.05 13.68 -15.89
C PRO B 241 6.37 12.39 -15.14
N ARG B 242 5.58 12.13 -14.08
CA ARG B 242 5.81 11.00 -13.17
C ARG B 242 5.66 9.63 -13.81
N ASP B 243 4.78 9.54 -14.81
CA ASP B 243 4.42 8.28 -15.45
C ASP B 243 3.91 8.53 -16.87
N LEU B 244 3.37 7.47 -17.48
CA LEU B 244 2.81 7.57 -18.81
C LEU B 244 1.73 8.65 -18.83
N THR B 245 0.67 8.43 -18.04
CA THR B 245 -0.51 9.31 -17.99
C THR B 245 -0.12 10.78 -18.03
N ASP B 246 0.92 11.12 -17.28
CA ASP B 246 1.48 12.46 -17.26
C ASP B 246 1.84 12.96 -18.66
N CYS B 247 2.57 12.14 -19.41
CA CYS B 247 3.08 12.54 -20.73
C CYS B 247 1.95 12.87 -21.67
N LEU B 248 0.81 12.24 -21.43
CA LEU B 248 -0.36 12.39 -22.27
C LEU B 248 -1.13 13.65 -21.93
N LEU B 249 -1.21 13.97 -20.63
CA LEU B 249 -1.78 15.23 -20.17
C LEU B 249 -0.98 16.40 -20.73
N VAL B 250 0.35 16.23 -20.72
CA VAL B 250 1.27 17.20 -21.25
C VAL B 250 0.98 17.53 -22.72
N GLU B 251 0.68 16.52 -23.52
CA GLU B 251 0.29 16.76 -24.91
C GLU B 251 -1.10 17.40 -24.99
N MET B 252 -1.92 17.11 -23.99
CA MET B 252 -3.29 17.59 -23.92
C MET B 252 -3.32 19.07 -23.57
N GLU B 253 -2.31 19.49 -22.80
CA GLU B 253 -2.12 20.89 -22.43
C GLU B 253 -1.52 21.74 -23.56
N LYS B 254 -0.53 21.19 -24.27
CA LYS B 254 0.06 21.89 -25.41
C LYS B 254 -0.94 22.13 -26.55
N GLU B 255 -2.18 21.69 -26.37
CA GLU B 255 -3.16 21.65 -27.46
C GLU B 255 -4.47 22.41 -27.17
N LYS B 256 -4.53 23.14 -26.06
CA LYS B 256 -5.77 23.85 -25.68
C LYS B 256 -6.25 24.89 -26.71
N HIS B 257 -5.30 25.59 -27.37
CA HIS B 257 -5.65 26.53 -28.42
C HIS B 257 -6.07 25.81 -29.70
N SER B 258 -5.21 24.91 -30.20
CA SER B 258 -5.50 24.18 -31.43
C SER B 258 -6.99 23.86 -31.52
N ALA B 259 -7.65 24.34 -32.57
CA ALA B 259 -9.09 24.14 -32.75
C ALA B 259 -9.44 22.65 -32.70
N GLU B 260 -9.01 21.95 -33.75
CA GLU B 260 -9.16 20.50 -33.91
C GLU B 260 -8.30 19.75 -32.88
N ARG B 261 -8.95 19.11 -31.93
CA ARG B 261 -8.27 18.50 -30.78
C ARG B 261 -7.96 17.01 -31.02
N LEU B 262 -6.78 16.57 -30.57
CA LEU B 262 -6.31 15.19 -30.70
C LEU B 262 -6.55 14.39 -29.40
N TYR B 263 -6.09 14.94 -28.29
CA TYR B 263 -6.38 14.36 -27.00
C TYR B 263 -7.59 15.04 -26.41
N THR B 264 -8.52 14.24 -25.93
CA THR B 264 -9.61 14.71 -25.11
C THR B 264 -9.46 13.90 -23.85
N MET B 265 -9.96 14.41 -22.74
CA MET B 265 -9.90 13.67 -21.48
C MET B 265 -10.47 12.25 -21.59
N ASP B 266 -11.43 12.06 -22.48
CA ASP B 266 -11.90 10.73 -22.81
C ASP B 266 -10.77 9.98 -23.50
N GLY B 267 -10.26 10.57 -24.58
CA GLY B 267 -9.14 10.05 -25.38
C GLY B 267 -8.02 9.43 -24.54
N ILE B 268 -7.60 10.14 -23.49
CA ILE B 268 -6.53 9.64 -22.62
C ILE B 268 -7.02 8.45 -21.80
N THR B 269 -8.19 8.60 -21.18
CA THR B 269 -8.77 7.55 -20.35
C THR B 269 -8.91 6.25 -21.13
N VAL B 270 -9.39 6.36 -22.37
CA VAL B 270 -9.47 5.20 -23.25
C VAL B 270 -8.07 4.64 -23.52
N THR B 271 -7.10 5.50 -23.85
CA THR B 271 -5.74 5.07 -24.19
C THR B 271 -5.09 4.34 -23.03
N VAL B 272 -5.31 4.90 -21.85
CA VAL B 272 -4.68 4.36 -20.66
C VAL B 272 -5.36 3.06 -20.24
N ALA B 273 -6.69 3.03 -20.28
CA ALA B 273 -7.45 1.80 -20.04
C ALA B 273 -7.00 0.72 -21.02
N ASP B 274 -6.91 1.09 -22.29
CA ASP B 274 -6.37 0.23 -23.33
C ASP B 274 -5.06 -0.42 -22.87
N LEU B 275 -4.10 0.40 -22.44
CA LEU B 275 -2.86 -0.15 -21.94
C LEU B 275 -3.07 -0.93 -20.64
N PHE B 276 -4.04 -0.50 -19.84
CA PHE B 276 -4.21 -1.07 -18.51
C PHE B 276 -4.64 -2.55 -18.50
N PHE B 277 -5.72 -2.89 -19.18
CA PHE B 277 -6.13 -4.28 -19.19
C PHE B 277 -5.31 -5.04 -20.20
N ALA B 278 -4.97 -4.36 -21.31
CA ALA B 278 -4.12 -4.90 -22.37
C ALA B 278 -2.85 -5.45 -21.78
N GLY B 279 -2.07 -4.58 -21.16
CA GLY B 279 -0.88 -4.98 -20.42
C GLY B 279 -1.08 -5.96 -19.26
N THR B 280 -2.33 -6.24 -18.89
CA THR B 280 -2.59 -7.08 -17.71
C THR B 280 -3.08 -8.50 -18.02
N GLU B 281 -4.17 -8.65 -18.78
CA GLU B 281 -4.73 -9.97 -18.94
C GLU B 281 -3.93 -10.84 -19.86
N THR B 282 -3.44 -10.28 -20.96
CA THR B 282 -2.64 -11.06 -21.91
C THR B 282 -1.43 -11.75 -21.26
N THR B 283 -0.59 -11.00 -20.57
CA THR B 283 0.53 -11.63 -19.89
C THR B 283 0.07 -12.55 -18.76
N SER B 284 -0.83 -12.09 -17.91
CA SER B 284 -1.29 -12.95 -16.81
C SER B 284 -1.81 -14.31 -17.28
N THR B 285 -2.63 -14.30 -18.31
CA THR B 285 -3.21 -15.55 -18.75
C THR B 285 -2.21 -16.44 -19.49
N THR B 286 -1.28 -15.84 -20.24
CA THR B 286 -0.22 -16.57 -20.96
C THR B 286 0.68 -17.29 -19.96
N LEU B 287 0.99 -16.58 -18.88
CA LEU B 287 1.70 -17.13 -17.73
C LEU B 287 0.90 -18.21 -17.00
N ARG B 288 -0.42 -18.05 -16.95
CA ARG B 288 -1.22 -19.09 -16.36
C ARG B 288 -1.28 -20.34 -17.25
N TYR B 289 -1.37 -20.19 -18.58
CA TYR B 289 -1.20 -21.35 -19.51
C TYR B 289 0.21 -21.94 -19.39
N GLY B 290 1.22 -21.09 -19.24
CA GLY B 290 2.58 -21.59 -19.11
C GLY B 290 2.69 -22.61 -18.00
N LEU B 291 2.27 -22.19 -16.82
CA LEU B 291 2.43 -23.01 -15.66
C LEU B 291 1.64 -24.30 -15.78
N LEU B 292 0.42 -24.23 -16.33
CA LEU B 292 -0.34 -25.45 -16.57
C LEU B 292 0.38 -26.39 -17.55
N ILE B 293 0.88 -25.82 -18.65
CA ILE B 293 1.64 -26.57 -19.65
C ILE B 293 2.77 -27.30 -18.98
N LEU B 294 3.56 -26.59 -18.19
CA LEU B 294 4.75 -27.19 -17.59
C LEU B 294 4.44 -28.38 -16.69
N MET B 295 3.34 -28.28 -15.94
CA MET B 295 2.91 -29.38 -15.08
C MET B 295 2.50 -30.64 -15.83
N LYS B 296 2.05 -30.47 -17.07
CA LYS B 296 1.72 -31.59 -17.99
C LYS B 296 2.95 -32.41 -18.35
N TYR B 297 4.06 -31.70 -18.63
CA TYR B 297 5.30 -32.31 -19.14
C TYR B 297 6.46 -32.05 -18.18
N PRO B 298 6.47 -32.80 -17.06
CA PRO B 298 7.42 -32.46 -15.99
C PRO B 298 8.87 -32.53 -16.46
N GLU B 299 9.14 -33.35 -17.46
CA GLU B 299 10.50 -33.53 -17.96
C GLU B 299 11.04 -32.25 -18.58
N ILE B 300 10.12 -31.43 -19.07
CA ILE B 300 10.48 -30.14 -19.61
C ILE B 300 10.79 -29.19 -18.46
N GLU B 301 10.00 -29.22 -17.39
CA GLU B 301 10.29 -28.42 -16.18
C GLU B 301 11.69 -28.68 -15.67
N GLU B 302 12.03 -29.97 -15.51
CA GLU B 302 13.34 -30.39 -15.02
C GLU B 302 14.46 -29.84 -15.89
N LYS B 303 14.25 -29.85 -17.20
CA LYS B 303 15.24 -29.31 -18.10
C LYS B 303 15.39 -27.82 -17.88
N LEU B 304 14.28 -27.09 -17.76
CA LEU B 304 14.37 -25.67 -17.46
C LEU B 304 15.21 -25.43 -16.19
N HIS B 305 14.88 -26.16 -15.13
CA HIS B 305 15.61 -26.04 -13.87
C HIS B 305 17.10 -26.22 -14.04
N GLU B 306 17.46 -27.23 -14.82
CA GLU B 306 18.86 -27.52 -15.03
C GLU B 306 19.57 -26.28 -15.60
N GLU B 307 18.99 -25.71 -16.66
CA GLU B 307 19.47 -24.50 -17.31
C GLU B 307 19.53 -23.29 -16.39
N ILE B 308 18.45 -23.06 -15.64
CA ILE B 308 18.36 -21.94 -14.71
C ILE B 308 19.52 -21.97 -13.75
N ASP B 309 19.69 -23.09 -13.08
CA ASP B 309 20.80 -23.27 -12.15
C ASP B 309 22.14 -23.13 -12.84
N ARG B 310 22.32 -23.89 -13.93
CA ARG B 310 23.54 -23.83 -14.71
C ARG B 310 23.94 -22.39 -15.06
N VAL B 311 22.97 -21.58 -15.50
CA VAL B 311 23.26 -20.28 -16.09
C VAL B 311 22.93 -19.06 -15.21
N ILE B 312 22.19 -19.24 -14.14
CA ILE B 312 21.79 -18.12 -13.27
C ILE B 312 22.07 -18.46 -11.81
N GLY B 313 22.09 -19.75 -11.50
CA GLY B 313 22.22 -20.22 -10.12
C GLY B 313 20.89 -20.10 -9.39
N PRO B 314 20.82 -20.60 -8.15
CA PRO B 314 19.53 -20.48 -7.46
C PRO B 314 19.35 -19.09 -6.87
N SER B 315 20.34 -18.22 -7.06
CA SER B 315 20.41 -17.01 -6.25
C SER B 315 20.11 -15.74 -7.03
N ARG B 316 20.96 -15.47 -8.02
CA ARG B 316 20.94 -14.23 -8.75
C ARG B 316 19.61 -14.09 -9.46
N ILE B 317 19.10 -12.87 -9.52
CA ILE B 317 17.88 -12.59 -10.28
C ILE B 317 18.13 -12.69 -11.79
N PRO B 318 17.15 -13.24 -12.54
CA PRO B 318 17.22 -13.30 -14.00
C PRO B 318 17.40 -11.95 -14.68
N ALA B 319 18.27 -11.91 -15.69
CA ALA B 319 18.52 -10.73 -16.52
C ALA B 319 18.25 -11.09 -17.97
N ILE B 320 17.82 -10.11 -18.76
CA ILE B 320 17.44 -10.41 -20.14
C ILE B 320 18.63 -10.84 -21.03
N LYS B 321 19.85 -10.49 -20.62
CA LYS B 321 21.00 -10.89 -21.41
C LYS B 321 21.26 -12.38 -21.24
N ASP B 322 20.52 -13.03 -20.34
CA ASP B 322 20.66 -14.48 -20.11
C ASP B 322 19.95 -15.28 -21.19
N ARG B 323 19.02 -14.64 -21.88
CA ARG B 323 18.27 -15.29 -22.94
C ARG B 323 19.22 -15.90 -23.98
N GLN B 324 20.23 -15.11 -24.38
CA GLN B 324 21.24 -15.52 -25.38
C GLN B 324 22.00 -16.79 -24.99
N GLU B 325 22.02 -17.09 -23.69
CA GLU B 325 22.72 -18.29 -23.20
C GLU B 325 21.79 -19.43 -22.83
N MET B 326 20.48 -19.24 -23.02
CA MET B 326 19.47 -20.23 -22.59
C MET B 326 18.50 -20.64 -23.70
N PRO B 327 18.88 -21.61 -24.54
CA PRO B 327 18.04 -21.97 -25.69
C PRO B 327 16.78 -22.73 -25.32
N TYR B 328 16.79 -23.42 -24.18
CA TYR B 328 15.65 -24.25 -23.80
C TYR B 328 14.55 -23.38 -23.23
N MET B 329 14.90 -22.54 -22.29
CA MET B 329 13.95 -21.59 -21.72
C MET B 329 13.33 -20.70 -22.81
N ASP B 330 14.18 -20.11 -23.63
CA ASP B 330 13.76 -19.32 -24.77
C ASP B 330 12.68 -20.02 -25.60
N ALA B 331 13.00 -21.22 -26.08
CA ALA B 331 12.09 -22.01 -26.89
C ALA B 331 10.81 -22.35 -26.17
N VAL B 332 10.90 -22.54 -24.86
CA VAL B 332 9.73 -22.88 -24.07
C VAL B 332 8.85 -21.66 -24.09
N VAL B 333 9.44 -20.52 -23.74
CA VAL B 333 8.72 -19.25 -23.74
C VAL B 333 7.99 -19.01 -25.10
N HIS B 334 8.65 -19.33 -26.19
CA HIS B 334 8.04 -19.18 -27.50
C HIS B 334 6.93 -20.21 -27.73
N GLU B 335 7.23 -21.49 -27.53
CA GLU B 335 6.23 -22.50 -27.73
C GLU B 335 5.01 -22.28 -26.81
N ILE B 336 5.22 -21.71 -25.61
CA ILE B 336 4.08 -21.38 -24.77
C ILE B 336 3.13 -20.46 -25.54
N GLN B 337 3.64 -19.36 -26.08
CA GLN B 337 2.81 -18.44 -26.87
C GLN B 337 2.27 -19.07 -28.14
N ARG B 338 3.11 -19.87 -28.80
CA ARG B 338 2.77 -20.50 -30.09
C ARG B 338 1.63 -21.49 -29.94
N PHE B 339 1.69 -22.25 -28.85
CA PHE B 339 0.78 -23.37 -28.62
C PHE B 339 -0.62 -22.88 -28.24
N ILE B 340 -0.69 -21.79 -27.46
CA ILE B 340 -1.91 -21.42 -26.74
C ILE B 340 -2.73 -20.33 -27.42
N THR B 341 -2.18 -19.81 -28.51
CA THR B 341 -2.91 -18.99 -29.48
C THR B 341 -3.93 -18.09 -28.81
N LEU B 342 -3.43 -17.25 -27.91
CA LEU B 342 -4.30 -16.41 -27.08
C LEU B 342 -5.28 -15.62 -27.92
N VAL B 343 -4.78 -14.95 -28.97
CA VAL B 343 -5.63 -14.14 -29.84
C VAL B 343 -5.73 -14.89 -31.16
N PRO B 344 -6.52 -15.96 -31.18
CA PRO B 344 -6.38 -16.92 -32.26
C PRO B 344 -6.86 -16.36 -33.57
N SER B 345 -7.77 -15.40 -33.48
CA SER B 345 -8.34 -14.79 -34.65
C SER B 345 -7.76 -13.42 -35.00
N ASN B 346 -6.71 -13.03 -34.29
CA ASN B 346 -6.18 -11.67 -34.41
C ASN B 346 -7.26 -10.67 -33.99
N LEU B 347 -6.89 -9.40 -33.91
CA LEU B 347 -7.86 -8.33 -33.72
C LEU B 347 -8.34 -7.89 -35.10
N PRO B 348 -9.64 -7.55 -35.22
CA PRO B 348 -10.27 -7.31 -36.52
C PRO B 348 -9.77 -6.04 -37.22
N HIS B 349 -9.27 -6.19 -38.45
CA HIS B 349 -8.81 -5.05 -39.25
C HIS B 349 -9.96 -4.56 -40.10
N GLU B 350 -9.83 -3.34 -40.60
CA GLU B 350 -10.81 -2.78 -41.53
C GLU B 350 -10.15 -2.24 -42.78
N ALA B 351 -10.78 -2.58 -43.90
CA ALA B 351 -10.42 -2.03 -45.19
C ALA B 351 -10.73 -0.51 -45.19
N THR B 352 -9.69 0.28 -45.42
CA THR B 352 -9.76 1.74 -45.32
C THR B 352 -10.18 2.44 -46.61
N ARG B 353 -9.60 2.03 -47.74
CA ARG B 353 -9.95 2.59 -49.08
C ARG B 353 -10.08 1.44 -50.07
N ASP B 354 -11.07 1.48 -50.98
CA ASP B 354 -11.39 0.33 -51.90
C ASP B 354 -10.13 -0.42 -52.39
N THR B 355 -10.10 -1.75 -52.20
CA THR B 355 -8.84 -2.50 -52.36
C THR B 355 -8.87 -3.81 -53.14
N ILE B 356 -7.76 -4.05 -53.84
CA ILE B 356 -7.60 -5.26 -54.63
C ILE B 356 -6.61 -6.19 -53.94
N PHE B 357 -7.13 -7.31 -53.42
CA PHE B 357 -6.31 -8.34 -52.76
C PHE B 357 -6.25 -9.58 -53.63
N ARG B 358 -5.06 -9.90 -54.11
CA ARG B 358 -4.91 -10.91 -55.15
C ARG B 358 -5.83 -10.48 -56.28
N GLY B 359 -6.87 -11.26 -56.58
CA GLY B 359 -7.77 -10.90 -57.66
C GLY B 359 -8.92 -10.03 -57.20
N TYR B 360 -9.25 -10.16 -55.92
CA TYR B 360 -10.58 -9.78 -55.43
C TYR B 360 -10.71 -8.35 -54.95
N LEU B 361 -11.92 -7.82 -55.11
CA LEU B 361 -12.27 -6.55 -54.55
C LEU B 361 -12.61 -6.74 -53.10
N ILE B 362 -11.95 -5.95 -52.25
CA ILE B 362 -12.32 -5.86 -50.84
C ILE B 362 -12.77 -4.45 -50.61
N PRO B 363 -14.10 -4.24 -50.56
CA PRO B 363 -14.78 -2.94 -50.48
C PRO B 363 -14.43 -2.20 -49.22
N LYS B 364 -14.86 -0.95 -49.10
CA LYS B 364 -14.54 -0.23 -47.86
C LYS B 364 -15.36 -0.53 -46.65
N GLY B 365 -14.70 -0.47 -45.51
CA GLY B 365 -15.36 -0.79 -44.25
C GLY B 365 -15.47 -2.29 -44.04
N THR B 366 -15.08 -3.08 -45.06
CA THR B 366 -15.02 -4.54 -44.96
C THR B 366 -14.09 -5.02 -43.84
N VAL B 367 -14.64 -5.80 -42.91
CA VAL B 367 -13.86 -6.38 -41.82
C VAL B 367 -12.86 -7.38 -42.43
N VAL B 368 -11.60 -7.23 -42.07
CA VAL B 368 -10.55 -8.08 -42.60
C VAL B 368 -10.01 -8.89 -41.43
N VAL B 369 -10.00 -10.22 -41.54
CA VAL B 369 -9.54 -11.04 -40.44
C VAL B 369 -8.26 -11.79 -40.79
N PRO B 370 -7.11 -11.25 -40.37
CA PRO B 370 -5.90 -12.00 -40.67
C PRO B 370 -5.55 -13.01 -39.55
N THR B 371 -6.16 -14.19 -39.67
CA THR B 371 -6.19 -15.20 -38.60
C THR B 371 -4.81 -15.65 -38.10
N LEU B 372 -4.59 -15.52 -36.79
CA LEU B 372 -3.30 -15.85 -36.20
C LEU B 372 -3.07 -17.35 -35.99
N ASP B 373 -4.07 -18.07 -35.46
CA ASP B 373 -3.89 -19.48 -35.19
C ASP B 373 -3.53 -20.24 -36.46
N SER B 374 -3.99 -19.78 -37.61
CA SER B 374 -3.69 -20.41 -38.89
C SER B 374 -2.19 -20.38 -39.22
N VAL B 375 -1.52 -19.31 -38.82
CA VAL B 375 -0.07 -19.16 -38.99
C VAL B 375 0.64 -20.03 -37.96
N LEU B 376 0.22 -19.90 -36.70
CA LEU B 376 0.89 -20.50 -35.53
C LEU B 376 0.85 -22.01 -35.52
N TYR B 377 -0.01 -22.57 -36.37
CA TYR B 377 -0.23 -24.00 -36.40
C TYR B 377 0.18 -24.61 -37.72
N ASP B 378 0.89 -23.83 -38.54
CA ASP B 378 1.47 -24.30 -39.80
C ASP B 378 2.14 -25.63 -39.56
N ASN B 379 1.65 -26.69 -40.20
CA ASN B 379 2.18 -28.01 -39.92
C ASN B 379 3.36 -28.31 -40.82
N GLN B 380 3.76 -27.31 -41.60
CA GLN B 380 5.06 -27.33 -42.24
C GLN B 380 6.09 -26.77 -41.28
N GLU B 381 5.86 -25.57 -40.74
CA GLU B 381 6.82 -24.94 -39.86
C GLU B 381 6.88 -25.70 -38.58
N PHE B 382 5.72 -26.10 -38.09
CA PHE B 382 5.65 -26.71 -36.79
C PHE B 382 5.03 -28.09 -36.90
N PRO B 383 5.83 -29.10 -37.34
CA PRO B 383 5.37 -30.49 -37.36
C PRO B 383 4.73 -30.83 -36.02
N ASP B 384 3.67 -31.63 -36.07
CA ASP B 384 2.79 -31.77 -34.92
C ASP B 384 2.49 -30.39 -34.29
N PRO B 385 1.72 -29.54 -35.00
CA PRO B 385 1.46 -28.25 -34.45
C PRO B 385 0.60 -28.38 -33.22
N GLU B 386 -0.35 -29.32 -33.24
CA GLU B 386 -1.24 -29.54 -32.12
C GLU B 386 -0.50 -29.90 -30.81
N LYS B 387 0.71 -30.44 -30.88
CA LYS B 387 1.44 -30.82 -29.68
C LYS B 387 2.43 -29.77 -29.19
N PHE B 388 2.54 -29.65 -27.87
CA PHE B 388 3.49 -28.73 -27.24
C PHE B 388 4.89 -29.32 -27.27
N LYS B 389 5.74 -28.76 -28.12
CA LYS B 389 7.08 -29.30 -28.26
C LYS B 389 8.12 -28.22 -28.44
N PRO B 390 8.90 -27.97 -27.39
CA PRO B 390 9.97 -27.00 -27.43
C PRO B 390 10.89 -27.12 -28.65
N GLU B 391 10.98 -28.30 -29.26
CA GLU B 391 11.86 -28.47 -30.42
C GLU B 391 11.45 -27.52 -31.51
N HIS B 392 10.19 -27.08 -31.47
CA HIS B 392 9.58 -26.23 -32.51
C HIS B 392 10.38 -24.96 -32.72
N PHE B 393 11.02 -24.51 -31.66
CA PHE B 393 11.90 -23.33 -31.68
C PHE B 393 13.36 -23.69 -31.42
N LEU B 394 13.66 -25.00 -31.58
CA LEU B 394 14.84 -25.49 -30.91
C LEU B 394 16.02 -25.89 -31.73
N ASN B 395 15.89 -26.43 -32.92
CA ASN B 395 17.09 -26.64 -33.75
C ASN B 395 17.85 -27.93 -33.43
N GLU B 396 18.33 -28.61 -34.47
CA GLU B 396 18.94 -29.94 -34.32
C GLU B 396 20.22 -29.96 -33.51
N ASN B 397 20.90 -28.83 -33.40
CA ASN B 397 22.07 -28.73 -32.54
C ASN B 397 21.77 -27.99 -31.23
N GLY B 398 20.50 -28.05 -30.80
CA GLY B 398 20.05 -27.61 -29.47
C GLY B 398 20.09 -26.12 -29.18
N LYS B 399 20.31 -25.30 -30.18
CA LYS B 399 20.45 -23.85 -30.09
C LYS B 399 19.10 -23.21 -30.43
N PHE B 400 18.79 -22.02 -30.03
CA PHE B 400 17.55 -21.40 -30.48
C PHE B 400 17.40 -21.42 -32.01
N LYS B 401 16.15 -21.47 -32.49
CA LYS B 401 15.84 -21.38 -33.92
C LYS B 401 14.59 -20.57 -34.14
N TYR B 402 14.73 -19.49 -34.88
CA TYR B 402 13.70 -18.49 -35.05
C TYR B 402 12.71 -18.88 -36.12
N SER B 403 11.44 -18.55 -35.92
CA SER B 403 10.45 -18.81 -36.96
C SER B 403 9.69 -17.58 -37.40
N ASP B 404 9.71 -17.31 -38.70
CA ASP B 404 8.99 -16.19 -39.26
C ASP B 404 7.49 -16.33 -39.02
N TYR B 405 7.09 -17.55 -38.66
CA TYR B 405 5.70 -17.88 -38.36
C TYR B 405 5.35 -17.62 -36.90
N PHE B 406 6.32 -17.18 -36.12
CA PHE B 406 6.02 -16.83 -34.75
C PHE B 406 5.49 -15.43 -34.73
N LYS B 407 4.17 -15.29 -34.71
CA LYS B 407 3.53 -13.97 -34.63
C LYS B 407 2.25 -13.97 -33.77
N PRO B 408 2.33 -14.32 -32.46
CA PRO B 408 1.11 -14.23 -31.66
C PRO B 408 0.81 -12.80 -31.29
N PHE B 409 1.69 -11.88 -31.72
CA PHE B 409 1.47 -10.44 -31.54
C PHE B 409 0.97 -9.81 -32.82
N SER B 410 0.93 -10.62 -33.88
CA SER B 410 0.56 -10.13 -35.19
C SER B 410 1.78 -9.41 -35.75
N THR B 411 1.58 -8.67 -36.83
CA THR B 411 2.64 -7.86 -37.40
C THR B 411 1.97 -6.75 -38.17
N GLY B 412 2.77 -5.85 -38.76
CA GLY B 412 2.23 -4.74 -39.56
C GLY B 412 1.94 -3.48 -38.77
N LYS B 413 0.93 -2.74 -39.22
CA LYS B 413 0.72 -1.40 -38.68
C LYS B 413 0.03 -1.40 -37.37
N ARG B 414 -0.68 -2.49 -37.09
CA ARG B 414 -1.35 -2.58 -35.81
C ARG B 414 -0.69 -3.64 -34.92
N VAL B 415 0.57 -3.96 -35.21
CA VAL B 415 1.29 -4.92 -34.39
C VAL B 415 1.07 -4.62 -32.89
N CYS B 416 0.91 -5.65 -32.06
CA CYS B 416 0.74 -5.42 -30.64
C CYS B 416 1.73 -4.36 -30.15
N ALA B 417 1.20 -3.39 -29.43
CA ALA B 417 2.01 -2.31 -28.89
C ALA B 417 2.88 -2.78 -27.70
N GLY B 418 2.40 -3.76 -26.95
CA GLY B 418 3.09 -4.12 -25.72
C GLY B 418 4.11 -5.19 -25.92
N GLU B 419 4.23 -5.67 -27.15
CA GLU B 419 5.15 -6.77 -27.50
C GLU B 419 6.47 -6.83 -26.71
N GLY B 420 7.33 -5.85 -26.87
CA GLY B 420 8.60 -5.87 -26.14
C GLY B 420 8.42 -6.21 -24.68
N LEU B 421 7.46 -5.54 -24.03
CA LEU B 421 7.17 -5.71 -22.59
C LEU B 421 6.55 -7.05 -22.21
N ALA B 422 5.63 -7.52 -23.04
CA ALA B 422 5.11 -8.88 -22.85
C ALA B 422 6.27 -9.85 -22.90
N ARG B 423 6.98 -9.88 -24.04
CA ARG B 423 8.09 -10.78 -24.30
C ARG B 423 9.08 -10.88 -23.17
N MET B 424 9.49 -9.71 -22.68
CA MET B 424 10.43 -9.63 -21.61
C MET B 424 9.76 -10.10 -20.33
N GLU B 425 8.49 -9.73 -20.19
CA GLU B 425 7.69 -10.08 -19.02
C GLU B 425 7.58 -11.57 -18.83
N LEU B 426 7.33 -12.32 -19.91
CA LEU B 426 7.20 -13.77 -19.81
C LEU B 426 8.52 -14.45 -19.43
N PHE B 427 9.54 -14.26 -20.26
CA PHE B 427 10.81 -14.91 -20.05
C PHE B 427 11.34 -14.66 -18.64
N LEU B 428 11.27 -13.40 -18.20
CA LEU B 428 11.80 -12.99 -16.91
C LEU B 428 11.04 -13.60 -15.74
N LEU B 429 9.73 -13.35 -15.68
CA LEU B 429 8.87 -13.91 -14.62
C LEU B 429 8.90 -15.44 -14.59
N LEU B 430 8.73 -16.09 -15.75
CA LEU B 430 8.77 -17.54 -15.79
C LEU B 430 10.07 -17.99 -15.17
N CYS B 431 11.19 -17.51 -15.71
CA CYS B 431 12.51 -17.79 -15.16
C CYS B 431 12.52 -17.74 -13.64
N ALA B 432 12.05 -16.61 -13.11
CA ALA B 432 11.91 -16.41 -11.68
C ALA B 432 11.12 -17.54 -11.00
N ILE B 433 9.94 -17.87 -11.53
CA ILE B 433 9.12 -18.82 -10.82
C ILE B 433 9.86 -20.13 -10.64
N LEU B 434 10.53 -20.56 -11.71
CA LEU B 434 11.16 -21.89 -11.75
C LEU B 434 12.47 -22.01 -11.00
N GLN B 435 13.25 -20.93 -11.03
CA GLN B 435 14.45 -20.80 -10.23
C GLN B 435 14.18 -21.04 -8.74
N HIS B 436 13.00 -20.61 -8.29
CA HIS B 436 12.69 -20.66 -6.88
C HIS B 436 11.67 -21.71 -6.49
N PHE B 437 10.90 -22.17 -7.47
CA PHE B 437 9.85 -23.10 -7.15
C PHE B 437 9.80 -24.27 -8.08
N ASN B 438 9.37 -25.39 -7.52
CA ASN B 438 8.93 -26.48 -8.32
C ASN B 438 7.42 -26.42 -8.40
N LEU B 439 6.89 -26.90 -9.52
CA LEU B 439 5.48 -26.92 -9.81
C LEU B 439 4.89 -28.28 -9.47
N LYS B 440 3.77 -28.27 -8.76
CA LYS B 440 3.13 -29.48 -8.30
C LYS B 440 1.66 -29.54 -8.73
N PRO B 441 1.32 -30.46 -9.67
CA PRO B 441 -0.09 -30.70 -10.03
C PRO B 441 -0.86 -31.41 -8.92
N LEU B 442 -2.15 -31.14 -8.78
CA LEU B 442 -2.96 -31.86 -7.80
C LEU B 442 -3.58 -33.06 -8.46
N VAL B 443 -3.31 -33.21 -9.76
CA VAL B 443 -3.89 -34.27 -10.55
C VAL B 443 -2.75 -34.83 -11.36
N ASP B 444 -2.84 -36.08 -11.73
CA ASP B 444 -1.77 -36.72 -12.48
C ASP B 444 -1.49 -35.96 -13.80
N PRO B 445 -0.20 -35.64 -14.07
CA PRO B 445 0.27 -35.10 -15.33
C PRO B 445 -0.25 -35.76 -16.61
N LYS B 446 -0.79 -36.99 -16.52
CA LYS B 446 -1.39 -37.62 -17.70
C LYS B 446 -2.79 -37.07 -17.89
N ASP B 447 -3.38 -36.55 -16.81
CA ASP B 447 -4.80 -36.23 -16.77
C ASP B 447 -5.05 -34.76 -17.04
N ILE B 448 -3.98 -34.01 -17.24
CA ILE B 448 -4.09 -32.56 -17.41
C ILE B 448 -4.56 -32.25 -18.83
N ASP B 449 -5.71 -31.58 -18.95
CA ASP B 449 -6.27 -31.27 -20.27
C ASP B 449 -5.95 -29.84 -20.58
N LEU B 450 -5.19 -29.66 -21.65
CA LEU B 450 -4.63 -28.39 -22.04
C LEU B 450 -5.59 -27.55 -22.86
N SER B 451 -6.58 -28.19 -23.46
CA SER B 451 -7.55 -27.50 -24.30
C SER B 451 -8.08 -26.24 -23.62
N PRO B 452 -8.27 -25.15 -24.41
CA PRO B 452 -8.96 -23.98 -23.87
C PRO B 452 -10.38 -24.36 -23.47
N ILE B 453 -10.94 -23.68 -22.48
CA ILE B 453 -12.36 -23.91 -22.15
C ILE B 453 -13.30 -22.92 -22.84
N HIS B 454 -12.77 -21.78 -23.28
CA HIS B 454 -13.49 -20.93 -24.21
C HIS B 454 -12.57 -20.42 -25.25
N ILE B 455 -13.12 -20.29 -26.46
CA ILE B 455 -12.39 -19.80 -27.59
C ILE B 455 -13.28 -18.78 -28.27
N GLY B 456 -12.89 -17.51 -28.20
CA GLY B 456 -13.52 -16.50 -29.04
C GLY B 456 -12.53 -15.40 -29.35
N PHE B 457 -12.69 -14.33 -28.58
CA PHE B 457 -11.78 -13.22 -28.47
C PHE B 457 -10.36 -13.72 -28.17
N GLY B 458 -10.26 -14.56 -27.14
CA GLY B 458 -8.99 -15.15 -26.73
C GLY B 458 -9.09 -16.65 -26.58
N CYS B 459 -8.07 -17.27 -25.98
CA CYS B 459 -8.11 -18.71 -25.70
C CYS B 459 -7.98 -18.96 -24.23
N ILE B 460 -9.05 -19.47 -23.63
CA ILE B 460 -9.13 -19.50 -22.16
C ILE B 460 -8.88 -20.86 -21.47
N PRO B 461 -7.88 -20.92 -20.57
CA PRO B 461 -7.38 -22.12 -19.90
C PRO B 461 -8.32 -22.69 -18.87
N PRO B 462 -8.32 -24.03 -18.74
CA PRO B 462 -9.09 -24.64 -17.67
C PRO B 462 -8.65 -24.03 -16.33
N ARG B 463 -9.60 -23.79 -15.44
CA ARG B 463 -9.28 -23.31 -14.13
C ARG B 463 -8.60 -24.47 -13.47
N TYR B 464 -7.53 -24.21 -12.72
CA TYR B 464 -6.84 -25.26 -12.02
C TYR B 464 -6.22 -24.63 -10.82
N LYS B 465 -6.04 -25.40 -9.76
CA LYS B 465 -5.18 -24.95 -8.68
C LYS B 465 -3.89 -25.78 -8.69
N LEU B 466 -2.88 -25.31 -7.97
CA LEU B 466 -1.60 -26.04 -7.88
C LEU B 466 -0.78 -25.68 -6.64
N CYS B 467 0.30 -26.43 -6.42
CA CYS B 467 1.22 -26.15 -5.33
C CYS B 467 2.54 -25.70 -5.88
N VAL B 468 3.17 -24.82 -5.09
CA VAL B 468 4.51 -24.36 -5.38
C VAL B 468 5.41 -24.63 -4.15
N ILE B 469 6.31 -25.61 -4.28
CA ILE B 469 7.28 -25.91 -3.22
C ILE B 469 8.64 -25.28 -3.48
N PRO B 470 9.13 -24.48 -2.52
CA PRO B 470 10.38 -23.75 -2.57
C PRO B 470 11.57 -24.59 -3.04
N ARG B 471 12.64 -23.89 -3.39
CA ARG B 471 13.93 -24.52 -3.64
C ARG B 471 15.03 -23.92 -2.73
N SER B 472 14.60 -23.61 -1.49
CA SER B 472 15.44 -23.03 -0.42
C SER B 472 14.91 -23.41 1.01
CHA HEM C . -2.31 13.93 27.20
CHB HEM C . 0.95 10.65 28.55
CHC HEM C . -0.29 8.06 24.70
CHD HEM C . -3.48 11.28 23.23
C1A HEM C . -1.33 13.31 27.90
C2A HEM C . -0.68 13.78 29.11
C3A HEM C . 0.22 12.85 29.48
C4A HEM C . 0.17 11.77 28.52
CMA HEM C . 1.19 12.90 30.69
CAA HEM C . -0.96 15.13 29.82
CBA HEM C . -1.94 14.99 30.97
CGA HEM C . -2.18 16.32 31.68
O1A HEM C . -2.43 16.29 32.91
O2A HEM C . -2.14 17.41 31.04
C1B HEM C . 0.90 9.64 27.60
C2B HEM C . 1.67 8.41 27.60
C3B HEM C . 1.30 7.71 26.51
C4B HEM C . 0.31 8.50 25.83
CMB HEM C . 2.68 8.03 28.70
CAB HEM C . 1.72 6.35 25.93
CBB HEM C . 2.95 5.87 26.04
C1C HEM C . -1.28 8.66 24.02
C2C HEM C . -1.97 8.07 22.91
C3C HEM C . -2.83 8.97 22.48
C4C HEM C . -2.73 10.14 23.31
CMC HEM C . -1.71 6.65 22.35
CAC HEM C . -3.81 8.75 21.32
CBC HEM C . -4.06 7.47 21.06
C1D HEM C . -3.43 12.29 24.16
C2D HEM C . -4.18 13.51 24.03
C3D HEM C . -3.84 14.34 25.25
C4D HEM C . -2.89 13.55 26.02
CMD HEM C . -5.12 13.86 22.87
CAD HEM C . -4.39 15.75 25.58
CBD HEM C . -5.01 15.76 26.98
CGD HEM C . -6.04 16.84 27.05
O1D HEM C . -7.19 16.53 26.67
O2D HEM C . -5.73 17.98 27.45
NA HEM C . -0.80 12.07 27.58
NB HEM C . 0.07 9.66 26.50
NC HEM C . -1.76 9.92 24.26
ND HEM C . -2.69 12.34 25.34
FE HEM C . -1.29 11.00 25.94
O1 LC4 D . 2.48 19.03 13.05
C2 LC4 D . 2.16 18.54 14.15
O17 LC4 D . 1.20 19.06 14.77
C3 LC4 D . 2.89 17.31 14.72
C4 LC4 D . 4.40 17.40 14.99
C5 LC4 D . 4.72 17.22 16.47
C6 LC4 D . 5.34 15.86 16.83
C7 LC4 D . 5.90 15.90 18.26
C18 LC4 D . 5.77 14.60 19.07
C19 LC4 D . 5.98 14.81 20.58
C8 LC4 D . 5.81 13.54 21.43
C9 LC4 D . 4.54 13.59 22.29
C10 LC4 D . 4.70 13.08 23.74
C11 LC4 D . 3.85 13.87 24.76
N12 LC4 D . 2.42 13.48 24.78
C13 LC4 D . 1.48 13.91 23.92
C14 LC4 D . 0.28 13.33 24.25
N15 LC4 D . 0.53 12.55 25.33
C16 LC4 D . 1.84 12.66 25.66
CHA HEM E . -2.72 -5.21 -30.27
CHB HEM E . -1.49 -9.68 -28.94
CHC HEM E . 0.09 -7.84 -24.80
CHD HEM E . -1.23 -3.38 -25.94
C1A HEM E . -2.57 -6.57 -30.30
C2A HEM E . -2.97 -7.51 -31.34
C3A HEM E . -2.62 -8.74 -30.96
C4A HEM E . -1.99 -8.63 -29.67
CMA HEM E . -2.85 -10.06 -31.75
CAA HEM E . -3.69 -7.17 -32.67
CBA HEM E . -2.67 -6.77 -33.71
CGA HEM E . -3.38 -6.39 -34.99
O1A HEM E . -2.93 -6.88 -36.07
O2A HEM E . -4.37 -5.61 -34.96
C1B HEM E . -0.93 -9.55 -27.69
C2B HEM E . -0.36 -10.62 -26.90
C3B HEM E . 0.06 -10.08 -25.75
C4B HEM E . -0.24 -8.68 -25.80
CMB HEM E . -0.28 -12.09 -27.38
CAB HEM E . 0.74 -10.68 -24.51
CBB HEM E . 1.42 -11.82 -24.57
C1C HEM E . -0.06 -6.49 -24.79
C2C HEM E . 0.49 -5.65 -23.77
C3C HEM E . 0.11 -4.40 -24.07
C4C HEM E . -0.67 -4.43 -25.28
CMC HEM E . 1.35 -6.15 -22.60
CAC HEM E . 0.48 -3.15 -23.27
CBC HEM E . 1.53 -3.24 -22.44
C1D HEM E . -1.80 -3.49 -27.20
C2D HEM E . -2.49 -2.41 -27.84
C3D HEM E . -2.96 -2.96 -29.18
C4D HEM E . -2.50 -4.34 -29.22
CMD HEM E . -2.69 -1.00 -27.26
CAD HEM E . -3.72 -2.21 -30.28
CBD HEM E . -2.78 -2.16 -31.48
CGD HEM E . -3.09 -0.96 -32.33
O1D HEM E . -2.22 -0.07 -32.32
O2D HEM E . -4.18 -0.92 -32.99
NA HEM E . -1.96 -7.30 -29.30
NB HEM E . -0.85 -8.36 -26.99
NC HEM E . -0.76 -5.74 -25.69
ND HEM E . -1.82 -4.60 -28.04
FE HEM E . -1.38 -6.52 -27.54
O1 LC4 F . -13.05 -0.59 -19.02
C2 LC4 F . -12.46 -1.21 -19.93
O17 LC4 F . -12.59 -0.79 -21.12
C3 LC4 F . -11.58 -2.43 -19.62
C4 LC4 F . -12.26 -3.75 -19.24
C5 LC4 F . -12.18 -4.74 -20.38
C6 LC4 F . -11.30 -5.97 -20.09
C7 LC4 F . -11.07 -6.78 -21.38
C18 LC4 F . -10.05 -7.92 -21.28
C19 LC4 F . -9.56 -8.33 -22.68
C8 LC4 F . -8.30 -9.22 -22.71
C9 LC4 F . -7.21 -8.64 -23.61
C10 LC4 F . -6.61 -9.58 -24.66
C11 LC4 F . -6.59 -9.01 -26.09
N12 LC4 F . -5.48 -8.08 -26.45
C13 LC4 F . -4.87 -7.18 -25.65
C14 LC4 F . -3.90 -6.53 -26.37
N15 LC4 F . -3.95 -7.04 -27.62
C16 LC4 F . -4.91 -7.98 -27.67
#